data_5LDO
#
_entry.id   5LDO
#
_cell.length_a   63.410
_cell.length_b   88.350
_cell.length_c   73.970
_cell.angle_alpha   90.00
_cell.angle_beta   114.95
_cell.angle_gamma   90.00
#
_symmetry.space_group_name_H-M   'P 1 21 1'
#
loop_
_entity.id
_entity.type
_entity.pdbx_description
1 polymer "RNA 2',3'-cyclic phosphodiesterase"
2 non-polymer '[(2R,3S,4R,5R)-5-(6-aminopurin-9-yl)-4-hydroxy-2-(hydroxymethyl)oxolan-3-yl] dihydrogen phosphate'
3 water water
#
_entity_poly.entity_id   1
_entity_poly.type   'polypeptide(L)'
_entity_poly.pdbx_seq_one_letter_code
;GMSEPQRLFFAIDLPAEIREQIIHWRAKHFPPEAGRPVAADNLHLTLAFLGEVSAEKEKALSLLAGRIRQPGFTLTLDDA
GQWLRSRVVWLGMRQPPRGLIQLANMLRSQAARSGCFQSNRPFHPHITLLRDASEAVTIPPPGFNWSYAVTEFTLYASSF
ARGRTRYTPLKRWALTQ
;
_entity_poly.pdbx_strand_id   A,B,C,D
#
# COMPACT_ATOMS: atom_id res chain seq x y z
N GLU A 4 20.70 5.06 -29.79
CA GLU A 4 20.77 5.50 -28.40
C GLU A 4 19.47 5.15 -27.67
N PRO A 5 19.58 4.78 -26.39
CA PRO A 5 18.37 4.43 -25.63
C PRO A 5 17.45 5.62 -25.38
N GLN A 6 16.21 5.51 -25.88
CA GLN A 6 15.17 6.51 -25.69
C GLN A 6 14.08 6.04 -24.73
N ARG A 7 13.69 6.91 -23.78
CA ARG A 7 12.55 6.58 -22.92
C ARG A 7 11.25 6.75 -23.70
N LEU A 8 10.58 5.63 -23.96
CA LEU A 8 9.41 5.60 -24.85
C LEU A 8 8.11 5.19 -24.16
N PHE A 9 6.98 5.53 -24.79
CA PHE A 9 5.67 5.06 -24.35
C PHE A 9 4.63 5.21 -25.46
N PHE A 10 3.60 4.36 -25.42
CA PHE A 10 2.48 4.46 -26.36
C PHE A 10 1.37 5.31 -25.76
N ALA A 11 0.75 6.17 -26.58
CA ALA A 11 -0.28 7.06 -26.06
C ALA A 11 -1.39 7.36 -27.08
N ILE A 12 -2.54 7.78 -26.56
CA ILE A 12 -3.63 8.32 -27.37
C ILE A 12 -3.72 9.82 -27.14
N ASP A 13 -3.82 10.59 -28.22
CA ASP A 13 -3.85 12.04 -28.09
C ASP A 13 -5.26 12.62 -28.12
N LEU A 14 -5.36 13.90 -27.79
CA LEU A 14 -6.61 14.63 -27.73
C LEU A 14 -6.66 15.73 -28.78
N PRO A 15 -7.85 15.96 -29.37
CA PRO A 15 -8.03 17.06 -30.32
C PRO A 15 -7.72 18.42 -29.69
N ALA A 16 -7.25 19.36 -30.49
CA ALA A 16 -6.81 20.65 -29.99
C ALA A 16 -7.89 21.38 -29.19
N GLU A 17 -9.12 21.33 -29.68
CA GLU A 17 -10.23 22.03 -29.05
C GLU A 17 -10.50 21.53 -27.64
N ILE A 18 -10.51 20.21 -27.47
CA ILE A 18 -10.77 19.60 -26.18
C ILE A 18 -9.64 19.89 -25.19
N ARG A 19 -8.39 19.85 -25.66
CA ARG A 19 -7.25 20.19 -24.82
C ARG A 19 -7.36 21.62 -24.31
N GLU A 20 -7.84 22.50 -25.18
CA GLU A 20 -7.99 23.91 -24.82
C GLU A 20 -9.09 24.07 -23.77
N GLN A 21 -10.15 23.28 -23.90
CA GLN A 21 -11.24 23.31 -22.94
C GLN A 21 -10.80 22.78 -21.58
N ILE A 22 -9.88 21.82 -21.60
CA ILE A 22 -9.42 21.17 -20.39
C ILE A 22 -8.53 22.08 -19.54
N ILE A 23 -7.58 22.76 -20.17
CA ILE A 23 -6.67 23.63 -19.42
C ILE A 23 -7.42 24.84 -18.86
N HIS A 24 -8.50 25.24 -19.53
CA HIS A 24 -9.33 26.34 -19.04
C HIS A 24 -10.14 25.87 -17.83
N TRP A 25 -10.72 24.68 -17.95
CA TRP A 25 -11.47 24.08 -16.86
C TRP A 25 -10.57 23.86 -15.65
N ARG A 26 -9.32 23.48 -15.92
CA ARG A 26 -8.36 23.19 -14.86
C ARG A 26 -7.92 24.45 -14.13
N ALA A 27 -7.66 25.52 -14.89
CA ALA A 27 -7.22 26.76 -14.30
C ALA A 27 -8.32 27.41 -13.48
N LYS A 28 -9.56 27.07 -13.82
CA LYS A 28 -10.73 27.64 -13.15
C LYS A 28 -10.98 26.98 -11.80
N HIS A 29 -10.72 25.68 -11.72
CA HIS A 29 -11.08 24.91 -10.54
C HIS A 29 -9.88 24.53 -9.66
N PHE A 30 -8.67 24.65 -10.21
CA PHE A 30 -7.47 24.25 -9.47
C PHE A 30 -6.46 25.37 -9.37
N PRO A 31 -6.19 25.84 -8.13
CA PRO A 31 -5.15 26.84 -7.88
C PRO A 31 -3.78 26.25 -8.14
N PRO A 32 -2.79 27.10 -8.44
CA PRO A 32 -1.40 26.66 -8.71
C PRO A 32 -0.81 25.79 -7.62
N GLU A 33 -1.36 25.87 -6.40
CA GLU A 33 -0.85 25.11 -5.27
C GLU A 33 -1.53 23.75 -5.11
N ALA A 34 -2.29 23.35 -6.12
CA ALA A 34 -2.97 22.06 -6.07
C ALA A 34 -2.07 21.00 -6.70
N GLY A 35 -1.14 21.46 -7.53
CA GLY A 35 -0.22 20.58 -8.22
C GLY A 35 0.45 21.28 -9.38
N ARG A 36 1.41 20.59 -10.02
CA ARG A 36 2.11 21.16 -11.16
C ARG A 36 1.34 20.87 -12.45
N PRO A 37 0.90 21.93 -13.13
CA PRO A 37 0.03 21.79 -14.32
C PRO A 37 0.74 21.16 -15.52
N VAL A 38 0.09 20.20 -16.14
CA VAL A 38 0.60 19.59 -17.37
C VAL A 38 0.32 20.50 -18.56
N ALA A 39 1.34 20.76 -19.36
CA ALA A 39 1.20 21.63 -20.53
C ALA A 39 0.14 21.08 -21.48
N ALA A 40 -0.54 21.97 -22.18
CA ALA A 40 -1.65 21.58 -23.04
C ALA A 40 -1.25 20.57 -24.11
N ASP A 41 -0.05 20.73 -24.64
CA ASP A 41 0.44 19.87 -25.71
C ASP A 41 0.92 18.51 -25.17
N ASN A 42 0.98 18.39 -23.85
CA ASN A 42 1.42 17.15 -23.22
C ASN A 42 0.26 16.31 -22.70
N LEU A 43 -0.97 16.78 -22.90
CA LEU A 43 -2.15 16.04 -22.47
C LEU A 43 -2.33 14.81 -23.35
N HIS A 44 -2.33 13.64 -22.72
CA HIS A 44 -2.39 12.38 -23.44
C HIS A 44 -2.87 11.24 -22.57
N LEU A 45 -3.25 10.14 -23.20
CA LEU A 45 -3.67 8.95 -22.47
C LEU A 45 -2.65 7.84 -22.71
N THR A 46 -1.82 7.57 -21.72
CA THR A 46 -0.76 6.58 -21.85
C THR A 46 -1.34 5.17 -21.93
N LEU A 47 -0.95 4.44 -22.97
CA LEU A 47 -1.44 3.08 -23.18
C LEU A 47 -0.48 2.06 -22.55
N ALA A 48 0.81 2.28 -22.74
CA ALA A 48 1.83 1.39 -22.18
C ALA A 48 3.16 2.10 -22.07
N PHE A 49 3.78 2.02 -20.89
CA PHE A 49 5.10 2.58 -20.67
C PHE A 49 6.16 1.51 -20.93
N LEU A 50 7.20 1.90 -21.68
CA LEU A 50 8.20 0.94 -22.13
C LEU A 50 9.52 1.07 -21.36
N GLY A 51 9.77 2.25 -20.79
CA GLY A 51 11.01 2.51 -20.11
C GLY A 51 12.11 2.80 -21.13
N GLU A 52 13.36 2.78 -20.69
CA GLU A 52 14.47 3.00 -21.61
C GLU A 52 14.61 1.82 -22.57
N VAL A 53 14.53 2.10 -23.87
CA VAL A 53 14.57 1.06 -24.89
C VAL A 53 15.49 1.51 -26.03
N SER A 54 16.32 0.59 -26.52
CA SER A 54 17.29 0.91 -27.56
C SER A 54 16.69 0.82 -28.96
N ALA A 55 17.48 1.22 -29.96
CA ALA A 55 17.00 1.27 -31.33
C ALA A 55 16.59 -0.11 -31.86
N GLU A 56 17.36 -1.14 -31.50
CA GLU A 56 17.06 -2.50 -31.92
C GLU A 56 15.69 -2.92 -31.40
N LYS A 57 15.46 -2.66 -30.11
CA LYS A 57 14.24 -3.10 -29.45
C LYS A 57 13.06 -2.21 -29.77
N GLU A 58 13.33 -0.95 -30.05
CA GLU A 58 12.32 -0.02 -30.53
C GLU A 58 11.74 -0.49 -31.87
N LYS A 59 12.63 -0.98 -32.72
CA LYS A 59 12.25 -1.45 -34.05
C LYS A 59 11.43 -2.72 -33.95
N ALA A 60 11.77 -3.56 -32.98
CA ALA A 60 11.04 -4.79 -32.74
C ALA A 60 9.63 -4.50 -32.26
N LEU A 61 9.52 -3.51 -31.37
CA LEU A 61 8.23 -3.12 -30.79
C LEU A 61 7.33 -2.42 -31.80
N SER A 62 7.93 -1.67 -32.72
CA SER A 62 7.17 -0.99 -33.78
C SER A 62 6.53 -2.00 -34.71
N LEU A 63 7.30 -3.03 -35.06
CA LEU A 63 6.83 -4.09 -35.94
C LEU A 63 5.65 -4.80 -35.29
N LEU A 64 5.75 -5.06 -33.98
CA LEU A 64 4.69 -5.70 -33.22
C LEU A 64 3.45 -4.82 -33.19
N ALA A 65 3.65 -3.51 -33.19
CA ALA A 65 2.54 -2.57 -33.17
C ALA A 65 1.85 -2.53 -34.53
N GLY A 66 2.63 -2.73 -35.59
CA GLY A 66 2.10 -2.69 -36.93
C GLY A 66 1.20 -3.84 -37.28
N ARG A 67 1.26 -4.92 -36.50
CA ARG A 67 0.44 -6.09 -36.77
C ARG A 67 -0.89 -5.99 -36.05
N ILE A 68 -1.03 -4.95 -35.25
CA ILE A 68 -2.28 -4.72 -34.51
C ILE A 68 -3.37 -4.33 -35.48
N ARG A 69 -4.45 -5.11 -35.49
CA ARG A 69 -5.60 -4.82 -36.33
C ARG A 69 -6.81 -4.58 -35.42
N GLN A 70 -7.26 -3.33 -35.36
CA GLN A 70 -8.32 -2.98 -34.44
C GLN A 70 -9.04 -1.70 -34.85
N PRO A 71 -10.39 -1.74 -34.82
CA PRO A 71 -11.23 -0.61 -35.19
C PRO A 71 -11.07 0.58 -34.23
N GLY A 72 -11.45 1.77 -34.67
CA GLY A 72 -11.38 2.95 -33.84
C GLY A 72 -12.51 2.94 -32.83
N PHE A 73 -12.42 3.82 -31.84
CA PHE A 73 -13.44 3.90 -30.80
C PHE A 73 -13.62 5.34 -30.31
N THR A 74 -14.68 5.58 -29.57
CA THR A 74 -14.98 6.92 -29.07
C THR A 74 -14.67 7.06 -27.59
N LEU A 75 -13.93 8.11 -27.23
CA LEU A 75 -13.66 8.41 -25.82
C LEU A 75 -14.52 9.57 -25.36
N THR A 76 -15.25 9.37 -24.27
CA THR A 76 -16.03 10.45 -23.67
C THR A 76 -15.58 10.66 -22.23
N LEU A 77 -14.96 11.81 -21.97
CA LEU A 77 -14.39 12.09 -20.66
C LEU A 77 -15.44 12.58 -19.67
N ASP A 78 -15.95 11.66 -18.86
CA ASP A 78 -17.04 11.97 -17.93
C ASP A 78 -16.58 11.84 -16.49
N ASP A 79 -15.29 11.60 -16.28
CA ASP A 79 -14.77 11.31 -14.95
C ASP A 79 -13.48 12.07 -14.64
N ALA A 80 -13.40 12.59 -13.42
CA ALA A 80 -12.19 13.23 -12.93
C ALA A 80 -11.92 12.78 -11.49
N GLY A 81 -10.66 12.72 -11.11
CA GLY A 81 -10.32 12.27 -9.76
C GLY A 81 -8.89 12.59 -9.35
N GLN A 82 -8.48 12.03 -8.22
CA GLN A 82 -7.18 12.30 -7.63
C GLN A 82 -6.56 11.05 -7.03
N TRP A 83 -5.34 10.73 -7.41
CA TRP A 83 -4.62 9.63 -6.78
C TRP A 83 -3.54 10.19 -5.86
N LEU A 84 -3.75 10.09 -4.55
CA LEU A 84 -2.90 10.76 -3.58
C LEU A 84 -1.51 10.12 -3.47
N ARG A 85 -1.44 8.80 -3.53
CA ARG A 85 -0.15 8.12 -3.43
C ARG A 85 0.68 8.40 -4.67
N SER A 86 0.08 8.25 -5.86
CA SER A 86 0.78 8.55 -7.10
C SER A 86 0.92 10.07 -7.26
N ARG A 87 0.16 10.80 -6.45
CA ARG A 87 0.19 12.26 -6.41
C ARG A 87 -0.17 12.95 -7.72
N VAL A 88 -1.26 12.52 -8.34
CA VAL A 88 -1.72 13.14 -9.58
C VAL A 88 -3.21 13.44 -9.54
N VAL A 89 -3.64 14.44 -10.29
CA VAL A 89 -5.05 14.71 -10.50
C VAL A 89 -5.36 14.34 -11.94
N TRP A 90 -6.33 13.46 -12.13
CA TRP A 90 -6.53 12.87 -13.44
C TRP A 90 -7.92 13.06 -14.04
N LEU A 91 -7.99 12.90 -15.36
CA LEU A 91 -9.22 12.89 -16.11
C LEU A 91 -9.38 11.50 -16.71
N GLY A 92 -10.61 10.97 -16.75
CA GLY A 92 -10.80 9.63 -17.24
C GLY A 92 -12.21 9.25 -17.67
N MET A 93 -12.42 7.94 -17.84
CA MET A 93 -13.71 7.41 -18.25
C MET A 93 -14.19 6.35 -17.28
N ARG A 94 -15.43 6.46 -16.83
CA ARG A 94 -16.02 5.48 -15.91
C ARG A 94 -16.05 4.09 -16.52
N GLN A 95 -16.62 4.02 -17.73
CA GLN A 95 -16.68 2.76 -18.47
C GLN A 95 -15.98 2.89 -19.80
N PRO A 96 -14.65 2.75 -19.80
CA PRO A 96 -13.84 2.83 -21.03
C PRO A 96 -14.32 1.83 -22.07
N PRO A 97 -14.29 2.21 -23.35
CA PRO A 97 -14.70 1.25 -24.39
C PRO A 97 -13.77 0.05 -24.41
N ARG A 98 -14.28 -1.10 -24.82
CA ARG A 98 -13.48 -2.31 -24.85
C ARG A 98 -12.26 -2.13 -25.75
N GLY A 99 -12.42 -1.35 -26.81
CA GLY A 99 -11.34 -1.04 -27.71
C GLY A 99 -10.14 -0.43 -27.00
N LEU A 100 -10.40 0.49 -26.08
CA LEU A 100 -9.32 1.12 -25.33
C LEU A 100 -8.62 0.08 -24.47
N ILE A 101 -9.40 -0.82 -23.87
CA ILE A 101 -8.85 -1.87 -23.02
C ILE A 101 -8.09 -2.88 -23.87
N GLN A 102 -8.69 -3.28 -24.99
CA GLN A 102 -8.07 -4.21 -25.94
C GLN A 102 -6.72 -3.72 -26.45
N LEU A 103 -6.69 -2.46 -26.88
CA LEU A 103 -5.48 -1.88 -27.45
C LEU A 103 -4.34 -1.83 -26.43
N ALA A 104 -4.65 -1.36 -25.23
CA ALA A 104 -3.66 -1.28 -24.17
C ALA A 104 -3.08 -2.65 -23.85
N ASN A 105 -3.97 -3.61 -23.60
CA ASN A 105 -3.56 -4.98 -23.26
C ASN A 105 -2.70 -5.60 -24.35
N MET A 106 -3.05 -5.32 -25.60
CA MET A 106 -2.30 -5.85 -26.74
C MET A 106 -0.88 -5.30 -26.75
N LEU A 107 -0.75 -4.02 -26.41
CA LEU A 107 0.54 -3.35 -26.40
C LEU A 107 1.38 -3.66 -25.14
N ARG A 108 0.70 -3.87 -24.02
CA ARG A 108 1.35 -4.19 -22.76
C ARG A 108 1.96 -5.58 -22.80
N SER A 109 1.26 -6.52 -23.44
CA SER A 109 1.73 -7.89 -23.52
C SER A 109 2.86 -8.02 -24.55
N GLN A 110 3.00 -7.02 -25.42
CA GLN A 110 4.02 -7.03 -26.45
C GLN A 110 5.33 -6.46 -25.93
N ALA A 111 5.22 -5.54 -24.99
CA ALA A 111 6.40 -4.95 -24.36
C ALA A 111 7.00 -5.94 -23.38
N ALA A 112 6.14 -6.73 -22.77
CA ALA A 112 6.56 -7.69 -21.75
C ALA A 112 7.23 -8.90 -22.39
N ARG A 113 6.86 -9.17 -23.64
CA ARG A 113 7.44 -10.30 -24.37
C ARG A 113 8.67 -9.85 -25.15
N SER A 114 8.93 -8.54 -25.15
CA SER A 114 10.16 -8.00 -25.70
C SER A 114 11.21 -7.76 -24.63
N GLY A 115 10.78 -7.80 -23.37
CA GLY A 115 11.69 -7.60 -22.25
C GLY A 115 11.69 -6.18 -21.72
N CYS A 116 10.50 -5.60 -21.60
CA CYS A 116 10.35 -4.23 -21.11
C CYS A 116 10.03 -4.20 -19.61
N PHE A 117 10.48 -3.13 -18.96
CA PHE A 117 10.25 -2.93 -17.54
C PHE A 117 8.77 -3.06 -17.19
N GLN A 118 8.48 -3.89 -16.19
CA GLN A 118 7.11 -4.22 -15.82
C GLN A 118 6.73 -3.59 -14.47
N SER A 119 5.48 -3.16 -14.35
CA SER A 119 4.98 -2.60 -13.10
C SER A 119 4.03 -3.59 -12.43
N ASN A 120 3.45 -4.48 -13.23
CA ASN A 120 2.42 -5.42 -12.78
C ASN A 120 1.31 -4.68 -12.03
N ARG A 121 0.92 -3.54 -12.57
CA ARG A 121 -0.20 -2.77 -12.04
C ARG A 121 -1.34 -2.76 -13.04
N PRO A 122 -2.59 -2.81 -12.54
CA PRO A 122 -3.81 -2.75 -13.35
C PRO A 122 -3.84 -1.55 -14.28
N PHE A 123 -4.49 -1.68 -15.42
CA PHE A 123 -4.54 -0.60 -16.40
C PHE A 123 -5.68 0.34 -16.07
N HIS A 124 -5.34 1.56 -15.67
CA HIS A 124 -6.32 2.58 -15.36
C HIS A 124 -6.19 3.72 -16.36
N PRO A 125 -6.99 3.66 -17.44
CA PRO A 125 -6.96 4.70 -18.49
C PRO A 125 -7.28 6.07 -17.92
N HIS A 126 -6.32 6.98 -18.02
CA HIS A 126 -6.47 8.31 -17.43
C HIS A 126 -5.64 9.34 -18.17
N ILE A 127 -6.05 10.60 -18.05
CA ILE A 127 -5.28 11.72 -18.57
C ILE A 127 -4.85 12.59 -17.40
N THR A 128 -3.55 12.66 -17.15
CA THR A 128 -3.03 13.39 -16.00
C THR A 128 -3.09 14.89 -16.24
N LEU A 129 -3.70 15.61 -15.31
CA LEU A 129 -3.85 17.06 -15.41
C LEU A 129 -2.86 17.76 -14.49
N LEU A 130 -2.71 17.21 -13.28
CA LEU A 130 -1.81 17.80 -12.30
C LEU A 130 -0.78 16.76 -11.84
N ARG A 131 0.47 17.18 -11.73
CA ARG A 131 1.50 16.33 -11.14
C ARG A 131 1.95 16.97 -9.83
N ASP A 132 2.58 16.16 -8.97
CA ASP A 132 3.02 16.60 -7.66
C ASP A 132 1.86 17.14 -6.83
N ALA A 133 0.69 16.53 -6.95
CA ALA A 133 -0.42 16.95 -6.10
C ALA A 133 -0.33 16.24 -4.76
N SER A 134 -0.31 17.02 -3.69
CA SER A 134 -0.11 16.49 -2.35
C SER A 134 -1.38 16.57 -1.52
N GLU A 135 -1.88 17.80 -1.40
CA GLU A 135 -3.10 18.06 -0.63
C GLU A 135 -4.34 17.48 -1.30
N ALA A 136 -5.22 16.94 -0.46
CA ALA A 136 -6.45 16.30 -0.91
C ALA A 136 -7.50 17.31 -1.35
N VAL A 137 -7.21 18.05 -2.43
CA VAL A 137 -8.11 19.07 -2.95
C VAL A 137 -9.49 18.50 -3.32
N THR A 138 -10.28 19.28 -4.05
CA THR A 138 -11.64 18.86 -4.36
C THR A 138 -11.85 18.83 -5.86
N ILE A 139 -12.43 17.71 -6.33
CA ILE A 139 -12.54 17.47 -7.77
C ILE A 139 -13.94 17.73 -8.30
N PRO A 140 -14.08 18.77 -9.12
CA PRO A 140 -15.32 19.08 -9.82
C PRO A 140 -15.55 18.07 -10.93
N PRO A 141 -16.80 17.93 -11.40
CA PRO A 141 -17.00 17.06 -12.56
C PRO A 141 -16.34 17.68 -13.78
N PRO A 142 -15.97 16.87 -14.78
CA PRO A 142 -15.35 17.44 -16.00
C PRO A 142 -16.32 18.30 -16.79
N GLY A 143 -15.82 18.98 -17.82
CA GLY A 143 -16.67 19.82 -18.65
C GLY A 143 -17.65 19.00 -19.46
N PHE A 144 -18.54 19.68 -20.17
CA PHE A 144 -19.57 18.99 -20.95
C PHE A 144 -19.07 18.61 -22.34
N ASN A 145 -19.42 17.39 -22.75
CA ASN A 145 -19.21 16.92 -24.12
C ASN A 145 -17.74 16.82 -24.53
N TRP A 146 -16.88 16.44 -23.58
CA TRP A 146 -15.49 16.15 -23.91
C TRP A 146 -15.40 14.76 -24.52
N SER A 147 -15.86 14.66 -25.76
CA SER A 147 -16.01 13.38 -26.43
C SER A 147 -15.49 13.46 -27.87
N TYR A 148 -14.63 12.52 -28.24
CA TYR A 148 -14.04 12.53 -29.57
C TYR A 148 -13.74 11.13 -30.09
N ALA A 149 -13.53 11.01 -31.39
CA ALA A 149 -13.24 9.74 -32.02
C ALA A 149 -11.74 9.47 -32.06
N VAL A 150 -11.33 8.28 -31.62
CA VAL A 150 -9.92 7.88 -31.65
C VAL A 150 -9.59 7.24 -33.00
N THR A 151 -8.63 7.83 -33.70
CA THR A 151 -8.31 7.38 -35.06
C THR A 151 -6.94 6.71 -35.14
N GLU A 152 -6.10 6.97 -34.14
CA GLU A 152 -4.74 6.44 -34.15
C GLU A 152 -4.12 6.43 -32.75
N PHE A 153 -3.01 5.72 -32.60
CA PHE A 153 -2.21 5.78 -31.39
C PHE A 153 -0.74 5.97 -31.76
N THR A 154 0.02 6.58 -30.86
CA THR A 154 1.37 7.05 -31.19
C THR A 154 2.42 6.55 -30.21
N LEU A 155 3.59 6.20 -30.74
CA LEU A 155 4.76 5.90 -29.92
C LEU A 155 5.55 7.18 -29.65
N TYR A 156 5.68 7.54 -28.39
CA TYR A 156 6.32 8.80 -28.00
C TYR A 156 7.68 8.63 -27.35
N ALA A 157 8.53 9.65 -27.49
CA ALA A 157 9.80 9.72 -26.77
C ALA A 157 9.74 10.81 -25.72
N SER A 158 10.22 10.50 -24.51
CA SER A 158 10.16 11.46 -23.41
C SER A 158 11.51 12.14 -23.19
N SER A 159 11.48 13.47 -23.08
CA SER A 159 12.68 14.25 -22.83
C SER A 159 12.36 15.51 -22.01
N PHE A 160 13.40 16.18 -21.53
CA PHE A 160 13.23 17.43 -20.79
C PHE A 160 14.12 18.50 -21.41
N ALA A 161 13.50 19.56 -21.93
CA ALA A 161 14.25 20.60 -22.62
C ALA A 161 13.91 22.01 -22.14
N ARG A 162 14.84 22.60 -21.40
CA ARG A 162 14.76 23.98 -20.92
C ARG A 162 13.48 24.24 -20.10
N GLY A 163 13.41 23.59 -18.95
CA GLY A 163 12.34 23.79 -17.99
C GLY A 163 10.99 23.16 -18.28
N ARG A 164 10.90 22.41 -19.38
CA ARG A 164 9.64 21.72 -19.70
C ARG A 164 9.86 20.24 -20.04
N THR A 165 8.78 19.47 -19.91
CA THR A 165 8.79 18.08 -20.31
C THR A 165 8.30 18.06 -21.74
N ARG A 166 9.03 17.38 -22.62
CA ARG A 166 8.65 17.33 -24.02
C ARG A 166 8.53 15.91 -24.56
N TYR A 167 7.39 15.67 -25.19
CA TYR A 167 7.13 14.39 -25.82
C TYR A 167 7.33 14.55 -27.33
N THR A 168 8.13 13.67 -27.91
CA THR A 168 8.42 13.74 -29.33
C THR A 168 7.79 12.55 -30.03
N PRO A 169 6.94 12.84 -31.02
CA PRO A 169 6.27 11.76 -31.77
C PRO A 169 7.24 11.05 -32.70
N LEU A 170 7.20 9.73 -32.72
CA LEU A 170 8.12 8.96 -33.57
C LEU A 170 7.36 8.25 -34.69
N LYS A 171 6.35 7.49 -34.32
CA LYS A 171 5.53 6.75 -35.29
C LYS A 171 4.08 6.69 -34.84
N ARG A 172 3.15 6.68 -35.81
CA ARG A 172 1.73 6.56 -35.51
C ARG A 172 1.10 5.41 -36.28
N TRP A 173 0.10 4.76 -35.67
CA TRP A 173 -0.63 3.69 -36.31
C TRP A 173 -2.13 3.98 -36.25
N ALA A 174 -2.78 3.96 -37.40
CA ALA A 174 -4.21 4.21 -37.49
C ALA A 174 -5.02 3.00 -37.06
N LEU A 175 -6.20 3.24 -36.50
CA LEU A 175 -7.12 2.15 -36.21
C LEU A 175 -8.09 1.94 -37.39
N THR A 176 -8.21 0.69 -37.81
CA THR A 176 -8.87 0.30 -39.05
C THR A 176 -10.35 0.64 -39.29
N GLN A 177 -10.94 1.54 -38.49
CA GLN A 177 -12.37 1.86 -38.61
C GLN A 177 -13.30 0.65 -38.49
N GLU B 4 0.05 17.06 14.48
CA GLU B 4 -1.21 16.34 14.60
C GLU B 4 -1.03 14.83 14.67
N PRO B 5 -1.89 14.17 15.46
CA PRO B 5 -1.88 12.72 15.66
C PRO B 5 -2.23 11.93 14.39
N GLN B 6 -1.33 11.04 14.00
CA GLN B 6 -1.54 10.16 12.86
C GLN B 6 -1.87 8.73 13.31
N ARG B 7 -2.91 8.15 12.74
CA ARG B 7 -3.22 6.74 13.01
C ARG B 7 -2.20 5.85 12.30
N LEU B 8 -1.37 5.18 13.09
CA LEU B 8 -0.23 4.44 12.54
C LEU B 8 -0.34 2.93 12.74
N PHE B 9 0.42 2.19 11.92
CA PHE B 9 0.59 0.75 12.10
C PHE B 9 1.80 0.25 11.32
N PHE B 10 2.39 -0.84 11.81
CA PHE B 10 3.49 -1.50 11.11
C PHE B 10 2.95 -2.60 10.22
N ALA B 11 3.52 -2.73 9.01
CA ALA B 11 3.01 -3.72 8.08
C ALA B 11 4.09 -4.32 7.18
N ILE B 12 3.79 -5.51 6.65
CA ILE B 12 4.62 -6.13 5.62
C ILE B 12 3.86 -6.02 4.30
N ASP B 13 4.56 -5.62 3.24
CA ASP B 13 3.89 -5.43 1.96
C ASP B 13 4.06 -6.63 1.04
N LEU B 14 3.28 -6.62 -0.04
CA LEU B 14 3.29 -7.69 -1.03
C LEU B 14 3.84 -7.17 -2.34
N PRO B 15 4.59 -8.00 -3.07
CA PRO B 15 5.08 -7.62 -4.40
C PRO B 15 3.91 -7.31 -5.33
N ALA B 16 4.12 -6.39 -6.28
CA ALA B 16 3.06 -5.91 -7.15
C ALA B 16 2.38 -7.05 -7.91
N GLU B 17 3.18 -8.00 -8.37
CA GLU B 17 2.68 -9.12 -9.16
C GLU B 17 1.71 -10.01 -8.37
N ILE B 18 2.08 -10.30 -7.13
CA ILE B 18 1.26 -11.16 -6.28
C ILE B 18 -0.06 -10.48 -5.94
N ARG B 19 -0.01 -9.17 -5.69
CA ARG B 19 -1.22 -8.38 -5.43
C ARG B 19 -2.19 -8.45 -6.59
N GLU B 20 -1.63 -8.42 -7.81
CA GLU B 20 -2.43 -8.45 -9.02
C GLU B 20 -3.08 -9.82 -9.18
N GLN B 21 -2.38 -10.87 -8.78
CA GLN B 21 -2.92 -12.23 -8.82
C GLN B 21 -4.06 -12.40 -7.83
N ILE B 22 -3.97 -11.70 -6.71
CA ILE B 22 -4.96 -11.83 -5.63
C ILE B 22 -6.28 -11.19 -6.03
N ILE B 23 -6.24 -9.98 -6.60
CA ILE B 23 -7.46 -9.29 -6.98
C ILE B 23 -8.17 -10.01 -8.12
N HIS B 24 -7.42 -10.71 -8.96
CA HIS B 24 -8.02 -11.54 -9.99
C HIS B 24 -8.63 -12.79 -9.38
N TRP B 25 -7.87 -13.42 -8.48
CA TRP B 25 -8.36 -14.60 -7.76
C TRP B 25 -9.60 -14.25 -6.96
N ARG B 26 -9.63 -13.05 -6.41
CA ARG B 26 -10.77 -12.59 -5.61
C ARG B 26 -11.99 -12.31 -6.47
N ALA B 27 -11.77 -11.64 -7.60
CA ALA B 27 -12.86 -11.28 -8.49
C ALA B 27 -13.44 -12.51 -9.16
N LYS B 28 -12.64 -13.56 -9.23
CA LYS B 28 -13.03 -14.80 -9.89
C LYS B 28 -13.94 -15.62 -8.98
N HIS B 29 -13.66 -15.59 -7.68
CA HIS B 29 -14.36 -16.45 -6.73
C HIS B 29 -15.35 -15.72 -5.82
N PHE B 30 -15.27 -14.40 -5.77
CA PHE B 30 -16.15 -13.64 -4.88
C PHE B 30 -16.98 -12.59 -5.61
N PRO B 31 -18.31 -12.78 -5.61
CA PRO B 31 -19.31 -11.86 -6.15
C PRO B 31 -19.39 -10.58 -5.33
N PRO B 32 -19.87 -9.49 -5.94
CA PRO B 32 -19.99 -8.18 -5.27
C PRO B 32 -20.78 -8.20 -3.95
N GLU B 33 -21.66 -9.18 -3.75
CA GLU B 33 -22.46 -9.22 -2.52
C GLU B 33 -21.77 -10.08 -1.45
N ALA B 34 -20.51 -10.42 -1.68
CA ALA B 34 -19.79 -11.21 -0.69
C ALA B 34 -19.10 -10.27 0.29
N GLY B 35 -18.86 -9.04 -0.15
CA GLY B 35 -18.24 -8.04 0.69
C GLY B 35 -17.69 -6.89 -0.15
N ARG B 36 -17.23 -5.83 0.51
CA ARG B 36 -16.64 -4.71 -0.19
C ARG B 36 -15.14 -4.95 -0.31
N PRO B 37 -14.63 -5.02 -1.56
CA PRO B 37 -13.26 -5.39 -1.90
C PRO B 37 -12.19 -4.38 -1.47
N VAL B 38 -11.10 -4.90 -0.90
CA VAL B 38 -9.94 -4.08 -0.54
C VAL B 38 -9.11 -3.74 -1.78
N ALA B 39 -8.77 -2.47 -1.93
CA ALA B 39 -8.00 -2.00 -3.08
C ALA B 39 -6.63 -2.69 -3.16
N ALA B 40 -6.13 -2.86 -4.37
CA ALA B 40 -4.89 -3.60 -4.61
C ALA B 40 -3.70 -3.01 -3.85
N ASP B 41 -3.62 -1.68 -3.80
CA ASP B 41 -2.50 -1.01 -3.15
C ASP B 41 -2.66 -0.99 -1.63
N ASN B 42 -3.82 -1.43 -1.14
CA ASN B 42 -4.07 -1.46 0.30
C ASN B 42 -3.91 -2.86 0.90
N LEU B 43 -3.55 -3.83 0.07
CA LEU B 43 -3.32 -5.19 0.52
C LEU B 43 -2.03 -5.25 1.34
N HIS B 44 -2.12 -5.67 2.60
CA HIS B 44 -0.96 -5.68 3.47
C HIS B 44 -1.12 -6.64 4.65
N LEU B 45 0.00 -6.93 5.31
CA LEU B 45 0.00 -7.74 6.52
C LEU B 45 0.40 -6.87 7.70
N THR B 46 -0.59 -6.51 8.52
CA THR B 46 -0.33 -5.65 9.67
C THR B 46 0.47 -6.37 10.74
N LEU B 47 1.58 -5.78 11.18
CA LEU B 47 2.41 -6.36 12.21
C LEU B 47 2.01 -5.86 13.60
N ALA B 48 1.70 -4.57 13.69
CA ALA B 48 1.28 -3.98 14.95
C ALA B 48 0.46 -2.73 14.72
N PHE B 49 -0.69 -2.64 15.37
CA PHE B 49 -1.54 -1.46 15.29
C PHE B 49 -1.20 -0.49 16.42
N LEU B 50 -1.04 0.79 16.09
CA LEU B 50 -0.60 1.77 17.07
C LEU B 50 -1.71 2.71 17.51
N GLY B 51 -2.71 2.89 16.66
CA GLY B 51 -3.80 3.82 16.96
C GLY B 51 -3.35 5.26 16.73
N GLU B 52 -4.09 6.21 17.28
CA GLU B 52 -3.71 7.61 17.17
C GLU B 52 -2.45 7.86 17.99
N VAL B 53 -1.42 8.38 17.32
CA VAL B 53 -0.10 8.55 17.90
C VAL B 53 0.44 9.94 17.61
N SER B 54 1.04 10.57 18.61
CA SER B 54 1.57 11.92 18.43
C SER B 54 2.98 11.88 17.84
N ALA B 55 3.49 13.04 17.47
CA ALA B 55 4.80 13.12 16.84
C ALA B 55 5.93 12.66 17.75
N GLU B 56 5.83 12.99 19.03
CA GLU B 56 6.86 12.65 20.00
C GLU B 56 7.06 11.14 20.15
N LYS B 57 5.97 10.41 20.34
CA LYS B 57 6.08 8.97 20.58
C LYS B 57 6.23 8.21 19.26
N GLU B 58 5.78 8.82 18.16
CA GLU B 58 6.05 8.26 16.84
C GLU B 58 7.56 8.18 16.62
N LYS B 59 8.26 9.22 17.08
CA LYS B 59 9.71 9.29 16.97
C LYS B 59 10.38 8.26 17.87
N ALA B 60 9.78 8.03 19.04
CA ALA B 60 10.31 7.05 19.97
C ALA B 60 10.16 5.64 19.41
N LEU B 61 9.01 5.38 18.80
CA LEU B 61 8.72 4.07 18.23
C LEU B 61 9.55 3.82 16.96
N SER B 62 9.85 4.89 16.23
CA SER B 62 10.68 4.77 15.03
C SER B 62 12.10 4.37 15.40
N LEU B 63 12.65 5.01 16.42
CA LEU B 63 13.99 4.69 16.88
C LEU B 63 14.05 3.26 17.41
N LEU B 64 13.03 2.86 18.17
CA LEU B 64 12.97 1.51 18.72
C LEU B 64 12.86 0.47 17.61
N ALA B 65 12.19 0.83 16.52
CA ALA B 65 12.07 -0.06 15.39
C ALA B 65 13.40 -0.09 14.65
N GLY B 66 14.10 1.04 14.69
CA GLY B 66 15.37 1.17 14.02
C GLY B 66 16.50 0.36 14.64
N ARG B 67 16.29 -0.09 15.88
CA ARG B 67 17.33 -0.87 16.56
C ARG B 67 17.13 -2.35 16.29
N ILE B 68 16.03 -2.70 15.61
CA ILE B 68 15.73 -4.08 15.31
C ILE B 68 16.72 -4.69 14.32
N ARG B 69 17.36 -5.77 14.74
CA ARG B 69 18.29 -6.51 13.90
C ARG B 69 17.75 -7.92 13.72
N GLN B 70 17.29 -8.23 12.51
CA GLN B 70 16.65 -9.51 12.27
C GLN B 70 16.68 -9.92 10.80
N PRO B 71 17.04 -11.18 10.53
CA PRO B 71 17.11 -11.71 9.17
C PRO B 71 15.76 -11.76 8.48
N GLY B 72 15.78 -11.77 7.15
CA GLY B 72 14.56 -11.85 6.37
C GLY B 72 13.98 -13.25 6.38
N PHE B 73 12.75 -13.39 5.90
CA PHE B 73 12.07 -14.67 5.88
C PHE B 73 11.16 -14.79 4.65
N THR B 74 10.71 -16.00 4.36
CA THR B 74 9.86 -16.24 3.20
C THR B 74 8.41 -16.45 3.60
N LEU B 75 7.50 -15.73 2.93
CA LEU B 75 6.06 -15.89 3.16
C LEU B 75 5.42 -16.67 2.02
N THR B 76 4.71 -17.75 2.36
CA THR B 76 3.93 -18.48 1.38
C THR B 76 2.48 -18.51 1.79
N LEU B 77 1.64 -17.82 1.03
CA LEU B 77 0.23 -17.68 1.37
C LEU B 77 -0.54 -18.91 0.90
N ASP B 78 -0.73 -19.85 1.82
CA ASP B 78 -1.31 -21.15 1.48
C ASP B 78 -2.67 -21.36 2.13
N ASP B 79 -3.17 -20.32 2.80
CA ASP B 79 -4.39 -20.45 3.59
C ASP B 79 -5.33 -19.28 3.35
N ALA B 80 -6.61 -19.59 3.21
CA ALA B 80 -7.64 -18.57 3.10
C ALA B 80 -8.82 -18.96 3.99
N GLY B 81 -9.51 -17.95 4.53
CA GLY B 81 -10.61 -18.20 5.43
C GLY B 81 -11.46 -16.97 5.64
N GLN B 82 -12.35 -17.03 6.63
CA GLN B 82 -13.28 -15.94 6.88
C GLN B 82 -13.52 -15.73 8.37
N TRP B 83 -13.41 -14.47 8.82
CA TRP B 83 -13.76 -14.13 10.19
C TRP B 83 -15.12 -13.46 10.17
N LEU B 84 -16.08 -14.22 10.67
CA LEU B 84 -17.49 -13.94 10.55
C LEU B 84 -17.99 -12.77 11.39
N ARG B 85 -17.52 -12.67 12.63
CA ARG B 85 -17.92 -11.56 13.50
C ARG B 85 -17.29 -10.27 12.97
N SER B 86 -15.99 -10.32 12.67
CA SER B 86 -15.26 -9.17 12.17
C SER B 86 -15.73 -8.87 10.75
N ARG B 87 -16.42 -9.85 10.18
CA ARG B 87 -17.06 -9.71 8.89
C ARG B 87 -16.02 -9.39 7.82
N VAL B 88 -14.96 -10.18 7.81
CA VAL B 88 -13.85 -10.02 6.88
C VAL B 88 -13.48 -11.34 6.22
N VAL B 89 -12.95 -11.26 5.01
CA VAL B 89 -12.38 -12.42 4.31
C VAL B 89 -10.88 -12.22 4.22
N TRP B 90 -10.11 -13.19 4.71
CA TRP B 90 -8.67 -12.99 4.83
C TRP B 90 -7.84 -14.00 4.07
N LEU B 91 -6.59 -13.63 3.81
CA LEU B 91 -5.59 -14.50 3.22
C LEU B 91 -4.47 -14.70 4.24
N GLY B 92 -3.91 -15.90 4.34
CA GLY B 92 -2.90 -16.15 5.34
C GLY B 92 -1.99 -17.35 5.14
N MET B 93 -1.29 -17.71 6.22
CA MET B 93 -0.36 -18.84 6.20
C MET B 93 -0.68 -19.83 7.33
N ARG B 94 -0.75 -21.11 7.00
CA ARG B 94 -1.03 -22.15 7.99
C ARG B 94 0.05 -22.22 9.07
N GLN B 95 1.30 -22.33 8.62
CA GLN B 95 2.43 -22.35 9.55
C GLN B 95 3.40 -21.24 9.21
N PRO B 96 3.11 -20.01 9.69
CA PRO B 96 3.95 -18.83 9.46
C PRO B 96 5.37 -19.03 9.96
N PRO B 97 6.38 -18.49 9.23
CA PRO B 97 7.75 -18.63 9.70
C PRO B 97 7.94 -17.92 11.03
N ARG B 98 8.85 -18.40 11.86
CA ARG B 98 9.04 -17.81 13.18
C ARG B 98 9.49 -16.35 13.10
N GLY B 99 10.25 -16.02 12.05
CA GLY B 99 10.70 -14.66 11.83
C GLY B 99 9.55 -13.67 11.82
N LEU B 100 8.44 -14.05 11.17
CA LEU B 100 7.26 -13.21 11.12
C LEU B 100 6.67 -12.96 12.51
N ILE B 101 6.59 -14.01 13.32
CA ILE B 101 6.06 -13.90 14.67
C ILE B 101 7.03 -13.11 15.56
N GLN B 102 8.31 -13.45 15.47
CA GLN B 102 9.36 -12.76 16.21
C GLN B 102 9.31 -11.26 15.94
N LEU B 103 9.21 -10.90 14.66
CA LEU B 103 9.16 -9.50 14.25
C LEU B 103 7.93 -8.81 14.84
N ALA B 104 6.78 -9.47 14.71
CA ALA B 104 5.53 -8.94 15.22
C ALA B 104 5.59 -8.71 16.72
N ASN B 105 5.99 -9.74 17.46
CA ASN B 105 6.05 -9.65 18.91
C ASN B 105 6.97 -8.54 19.38
N MET B 106 8.08 -8.33 18.66
CA MET B 106 9.03 -7.28 19.03
C MET B 106 8.45 -5.88 18.88
N LEU B 107 7.67 -5.66 17.83
CA LEU B 107 7.07 -4.34 17.60
C LEU B 107 5.90 -4.15 18.54
N ARG B 108 5.25 -5.27 18.88
CA ARG B 108 4.15 -5.26 19.82
C ARG B 108 4.68 -4.97 21.21
N SER B 109 5.85 -5.52 21.52
CA SER B 109 6.45 -5.36 22.84
C SER B 109 7.09 -3.98 23.02
N GLN B 110 7.33 -3.28 21.92
CA GLN B 110 7.93 -1.95 22.01
C GLN B 110 6.83 -0.90 22.17
N ALA B 111 5.67 -1.18 21.61
CA ALA B 111 4.51 -0.30 21.74
C ALA B 111 3.89 -0.45 23.13
N ALA B 112 3.96 -1.67 23.66
CA ALA B 112 3.37 -1.98 24.96
C ALA B 112 4.24 -1.45 26.10
N ARG B 113 5.53 -1.31 25.84
CA ARG B 113 6.46 -0.81 26.84
C ARG B 113 6.50 0.71 26.75
N SER B 114 5.81 1.24 25.76
CA SER B 114 5.57 2.68 25.65
C SER B 114 4.21 2.97 26.28
N GLY B 115 3.18 3.09 25.44
CA GLY B 115 1.85 3.33 25.96
C GLY B 115 0.72 3.13 24.96
N CYS B 116 0.80 2.08 24.17
CA CYS B 116 -0.26 1.81 23.19
C CYS B 116 -1.26 0.77 23.69
N PHE B 117 -2.53 0.97 23.37
CA PHE B 117 -3.60 0.07 23.74
C PHE B 117 -3.37 -1.36 23.24
N PRO B 122 -4.54 -10.61 20.35
CA PRO B 122 -3.77 -11.77 19.86
C PRO B 122 -3.35 -11.60 18.40
N PHE B 123 -2.17 -12.10 18.05
CA PHE B 123 -1.65 -11.89 16.70
C PHE B 123 -1.99 -13.01 15.72
N HIS B 124 -2.87 -12.69 14.77
CA HIS B 124 -3.22 -13.60 13.69
C HIS B 124 -2.78 -12.99 12.37
N PRO B 125 -1.58 -13.34 11.91
CA PRO B 125 -1.09 -12.76 10.65
C PRO B 125 -2.03 -13.04 9.50
N HIS B 126 -2.59 -11.99 8.91
CA HIS B 126 -3.60 -12.14 7.87
C HIS B 126 -3.60 -10.95 6.92
N ILE B 127 -4.08 -11.16 5.71
CA ILE B 127 -4.26 -10.08 4.76
C ILE B 127 -5.74 -9.96 4.41
N THR B 128 -6.37 -8.85 4.78
CA THR B 128 -7.80 -8.68 4.55
C THR B 128 -8.06 -8.37 3.08
N LEU B 129 -8.91 -9.16 2.46
CA LEU B 129 -9.25 -9.01 1.06
C LEU B 129 -10.63 -8.40 0.90
N LEU B 130 -11.56 -8.85 1.74
CA LEU B 130 -12.93 -8.38 1.71
C LEU B 130 -13.34 -7.84 3.07
N ARG B 131 -14.02 -6.70 3.07
CA ARG B 131 -14.64 -6.18 4.27
C ARG B 131 -16.14 -6.25 4.13
N ASP B 132 -16.84 -6.17 5.26
CA ASP B 132 -18.29 -6.27 5.29
C ASP B 132 -18.83 -7.57 4.72
N ALA B 133 -18.14 -8.67 4.96
CA ALA B 133 -18.68 -9.95 4.55
C ALA B 133 -19.64 -10.40 5.64
N SER B 134 -20.87 -10.69 5.28
CA SER B 134 -21.89 -11.00 6.28
C SER B 134 -22.25 -12.47 6.25
N GLU B 135 -22.81 -12.90 5.11
CA GLU B 135 -23.18 -14.30 4.92
C GLU B 135 -21.93 -15.15 4.86
N ALA B 136 -21.97 -16.32 5.48
CA ALA B 136 -20.80 -17.19 5.47
C ALA B 136 -20.67 -17.83 4.10
N VAL B 137 -19.76 -17.30 3.29
CA VAL B 137 -19.56 -17.76 1.94
C VAL B 137 -18.74 -19.06 1.99
N THR B 138 -18.14 -19.42 0.87
CA THR B 138 -17.34 -20.63 0.78
C THR B 138 -15.99 -20.18 0.29
N ILE B 139 -14.94 -20.61 0.97
CA ILE B 139 -13.62 -20.07 0.71
C ILE B 139 -12.77 -21.03 -0.11
N PRO B 140 -12.46 -20.63 -1.35
CA PRO B 140 -11.57 -21.43 -2.19
C PRO B 140 -10.16 -21.34 -1.65
N PRO B 141 -9.30 -22.31 -1.99
CA PRO B 141 -7.90 -22.18 -1.57
C PRO B 141 -7.25 -21.01 -2.33
N PRO B 142 -6.18 -20.43 -1.76
CA PRO B 142 -5.51 -19.34 -2.47
C PRO B 142 -4.88 -19.81 -3.77
N GLY B 143 -4.38 -18.88 -4.57
CA GLY B 143 -3.74 -19.25 -5.82
C GLY B 143 -2.43 -19.99 -5.59
N PHE B 144 -1.82 -20.46 -6.67
CA PHE B 144 -0.61 -21.24 -6.59
C PHE B 144 0.63 -20.36 -6.56
N ASN B 145 1.59 -20.72 -5.69
CA ASN B 145 2.91 -20.10 -5.66
C ASN B 145 2.88 -18.63 -5.25
N TRP B 146 1.96 -18.27 -4.37
CA TRP B 146 1.95 -16.93 -3.80
C TRP B 146 3.01 -16.85 -2.70
N SER B 147 4.26 -16.85 -3.11
CA SER B 147 5.38 -16.96 -2.18
C SER B 147 6.48 -15.97 -2.54
N TYR B 148 6.94 -15.20 -1.56
CA TYR B 148 7.95 -14.18 -1.80
C TYR B 148 8.85 -13.93 -0.59
N ALA B 149 9.98 -13.28 -0.82
CA ALA B 149 10.93 -12.96 0.24
C ALA B 149 10.64 -11.60 0.87
N VAL B 150 10.58 -11.56 2.19
CA VAL B 150 10.37 -10.31 2.91
C VAL B 150 11.71 -9.64 3.19
N THR B 151 11.88 -8.42 2.71
CA THR B 151 13.15 -7.73 2.79
C THR B 151 13.08 -6.56 3.77
N GLU B 152 11.86 -6.12 4.07
CA GLU B 152 11.67 -4.95 4.93
C GLU B 152 10.27 -4.91 5.55
N PHE B 153 10.11 -4.03 6.54
CA PHE B 153 8.81 -3.72 7.11
C PHE B 153 8.64 -2.21 7.18
N THR B 154 7.39 -1.75 7.10
CA THR B 154 7.11 -0.33 6.91
C THR B 154 6.15 0.23 7.95
N LEU B 155 6.41 1.46 8.39
CA LEU B 155 5.48 2.20 9.23
C LEU B 155 4.54 3.01 8.35
N TYR B 156 3.24 2.72 8.45
CA TYR B 156 2.26 3.39 7.60
C TYR B 156 1.39 4.37 8.38
N ALA B 157 0.91 5.40 7.69
CA ALA B 157 -0.08 6.30 8.26
C ALA B 157 -1.41 6.08 7.56
N SER B 158 -2.47 5.95 8.35
CA SER B 158 -3.79 5.67 7.80
C SER B 158 -4.71 6.89 7.80
N SER B 159 -5.42 7.09 6.69
CA SER B 159 -6.40 8.17 6.61
C SER B 159 -7.56 7.76 5.71
N PHE B 160 -8.67 8.48 5.82
CA PHE B 160 -9.84 8.20 4.99
C PHE B 160 -10.35 9.46 4.34
N ALA B 161 -10.29 9.49 3.00
CA ALA B 161 -10.65 10.66 2.22
C ALA B 161 -11.63 10.32 1.11
N ARG B 162 -12.86 10.79 1.24
CA ARG B 162 -13.89 10.58 0.23
C ARG B 162 -14.19 9.10 -0.03
N GLY B 163 -14.66 8.41 1.01
CA GLY B 163 -15.12 7.04 0.84
C GLY B 163 -14.03 6.04 0.59
N ARG B 164 -12.78 6.48 0.64
CA ARG B 164 -11.66 5.60 0.33
C ARG B 164 -10.63 5.56 1.46
N THR B 165 -9.92 4.44 1.52
CA THR B 165 -8.84 4.25 2.48
C THR B 165 -7.49 4.55 1.84
N ARG B 166 -6.67 5.36 2.51
CA ARG B 166 -5.35 5.66 1.99
C ARG B 166 -4.27 5.39 3.03
N TYR B 167 -3.28 4.60 2.65
CA TYR B 167 -2.13 4.34 3.49
C TYR B 167 -0.93 5.15 3.00
N THR B 168 -0.29 5.87 3.90
CA THR B 168 0.87 6.66 3.53
C THR B 168 2.11 6.06 4.19
N PRO B 169 3.10 5.68 3.39
CA PRO B 169 4.35 5.13 3.95
C PRO B 169 5.19 6.24 4.57
N LEU B 170 5.72 5.98 5.76
CA LEU B 170 6.50 6.99 6.47
C LEU B 170 7.97 6.59 6.53
N LYS B 171 8.23 5.38 7.02
CA LYS B 171 9.59 4.88 7.16
C LYS B 171 9.63 3.38 6.87
N ARG B 172 10.76 2.93 6.30
CA ARG B 172 10.96 1.50 6.06
C ARG B 172 12.27 1.05 6.68
N TRP B 173 12.29 -0.19 7.19
CA TRP B 173 13.50 -0.77 7.76
C TRP B 173 13.78 -2.12 7.11
N ALA B 174 15.01 -2.31 6.65
CA ALA B 174 15.37 -3.57 6.01
C ALA B 174 15.63 -4.65 7.06
N LEU B 175 15.30 -5.89 6.69
CA LEU B 175 15.62 -7.05 7.50
C LEU B 175 16.95 -7.64 7.03
N THR B 176 17.83 -7.98 7.96
CA THR B 176 19.19 -8.39 7.64
C THR B 176 19.23 -9.61 6.72
N GLN B 177 20.43 -10.14 6.49
CA GLN B 177 20.56 -11.21 5.52
C GLN B 177 20.39 -12.59 6.15
N GLU C 4 -26.17 -26.10 8.76
CA GLU C 4 -27.33 -25.27 8.47
C GLU C 4 -26.97 -23.78 8.61
N PRO C 5 -27.61 -22.93 7.79
CA PRO C 5 -27.34 -21.49 7.74
C PRO C 5 -27.68 -20.70 9.01
N GLN C 6 -27.56 -21.33 10.18
CA GLN C 6 -27.80 -20.61 11.42
C GLN C 6 -26.54 -20.32 12.22
N ARG C 7 -26.05 -19.08 12.11
CA ARG C 7 -24.99 -18.57 12.96
C ARG C 7 -25.55 -18.15 14.31
N LEU C 8 -25.11 -18.79 15.39
CA LEU C 8 -25.78 -18.56 16.66
C LEU C 8 -24.91 -17.76 17.63
N PHE C 9 -25.58 -17.12 18.59
CA PHE C 9 -24.91 -16.42 19.68
C PHE C 9 -25.88 -16.12 20.83
N PHE C 10 -25.34 -15.99 22.04
CA PHE C 10 -26.13 -15.59 23.19
C PHE C 10 -26.06 -14.08 23.34
N ALA C 11 -27.18 -13.44 23.68
CA ALA C 11 -27.19 -11.98 23.76
C ALA C 11 -28.09 -11.44 24.85
N ILE C 12 -27.83 -10.20 25.25
CA ILE C 12 -28.69 -9.44 26.14
C ILE C 12 -29.39 -8.38 25.30
N ASP C 13 -30.70 -8.23 25.46
CA ASP C 13 -31.47 -7.31 24.62
C ASP C 13 -31.74 -5.97 25.28
N LEU C 14 -32.25 -5.04 24.48
CA LEU C 14 -32.57 -3.70 24.95
C LEU C 14 -34.08 -3.49 24.94
N PRO C 15 -34.60 -2.84 26.00
CA PRO C 15 -36.01 -2.44 26.04
C PRO C 15 -36.30 -1.45 24.92
N ALA C 16 -37.52 -1.44 24.40
CA ALA C 16 -37.85 -0.61 23.24
C ALA C 16 -37.52 0.86 23.47
N GLU C 17 -37.86 1.38 24.65
CA GLU C 17 -37.66 2.80 24.93
C GLU C 17 -36.18 3.19 24.92
N ILE C 18 -35.34 2.36 25.53
CA ILE C 18 -33.90 2.62 25.55
C ILE C 18 -33.36 2.51 24.13
N ARG C 19 -33.88 1.52 23.40
CA ARG C 19 -33.53 1.31 21.99
C ARG C 19 -33.89 2.55 21.17
N GLU C 20 -35.04 3.13 21.48
CA GLU C 20 -35.50 4.32 20.75
C GLU C 20 -34.63 5.53 21.06
N GLN C 21 -34.19 5.64 22.30
CA GLN C 21 -33.33 6.74 22.72
C GLN C 21 -31.95 6.67 22.07
N ILE C 22 -31.48 5.45 21.83
CA ILE C 22 -30.15 5.23 21.28
C ILE C 22 -30.05 5.63 19.81
N ILE C 23 -31.03 5.22 19.01
CA ILE C 23 -31.00 5.54 17.58
C ILE C 23 -31.19 7.03 17.33
N HIS C 24 -31.86 7.71 18.26
CA HIS C 24 -32.05 9.16 18.17
C HIS C 24 -30.74 9.88 18.50
N TRP C 25 -30.10 9.44 19.58
CA TRP C 25 -28.82 9.98 20.02
C TRP C 25 -27.74 9.79 18.96
N ARG C 26 -27.80 8.66 18.27
CA ARG C 26 -26.82 8.33 17.24
C ARG C 26 -26.99 9.20 16.00
N ALA C 27 -28.24 9.39 15.59
CA ALA C 27 -28.54 10.18 14.40
C ALA C 27 -28.23 11.65 14.64
N LYS C 28 -28.25 12.06 15.90
CA LYS C 28 -28.01 13.45 16.28
C LYS C 28 -26.52 13.76 16.28
N HIS C 29 -25.69 12.81 16.70
CA HIS C 29 -24.28 13.06 16.92
C HIS C 29 -23.37 12.48 15.85
N PHE C 30 -23.90 11.56 15.04
CA PHE C 30 -23.07 10.91 14.03
C PHE C 30 -23.67 11.07 12.65
N PRO C 31 -22.97 11.81 11.77
CA PRO C 31 -23.38 11.97 10.38
C PRO C 31 -23.26 10.67 9.61
N PRO C 32 -24.05 10.51 8.53
CA PRO C 32 -24.04 9.31 7.69
C PRO C 32 -22.66 8.93 7.16
N GLU C 33 -21.74 9.88 7.08
CA GLU C 33 -20.42 9.62 6.54
C GLU C 33 -19.44 9.24 7.65
N ALA C 34 -19.97 9.02 8.84
CA ALA C 34 -19.14 8.62 9.98
C ALA C 34 -19.08 7.10 10.08
N GLY C 35 -20.06 6.42 9.49
CA GLY C 35 -20.10 4.97 9.55
C GLY C 35 -21.44 4.36 9.16
N ARG C 36 -21.49 3.04 9.12
CA ARG C 36 -22.71 2.32 8.79
C ARG C 36 -23.55 2.12 10.05
N PRO C 37 -24.74 2.73 10.08
CA PRO C 37 -25.60 2.65 11.28
C PRO C 37 -26.16 1.25 11.47
N VAL C 38 -26.08 0.72 12.68
CA VAL C 38 -26.68 -0.56 13.01
C VAL C 38 -28.19 -0.40 13.22
N ALA C 39 -28.97 -1.27 12.57
CA ALA C 39 -30.43 -1.20 12.67
C ALA C 39 -30.90 -1.33 14.11
N ALA C 40 -32.02 -0.67 14.41
CA ALA C 40 -32.54 -0.59 15.77
C ALA C 40 -32.84 -1.97 16.37
N ASP C 41 -33.40 -2.86 15.56
CA ASP C 41 -33.77 -4.18 16.03
C ASP C 41 -32.54 -5.09 16.12
N ASN C 42 -31.42 -4.61 15.59
CA ASN C 42 -30.19 -5.38 15.62
C ASN C 42 -29.24 -4.88 16.71
N LEU C 43 -29.68 -3.85 17.44
CA LEU C 43 -28.91 -3.33 18.57
C LEU C 43 -29.00 -4.31 19.74
N HIS C 44 -27.85 -4.82 20.18
CA HIS C 44 -27.84 -5.82 21.24
C HIS C 44 -26.46 -5.93 21.91
N LEU C 45 -26.43 -6.60 23.06
CA LEU C 45 -25.18 -6.88 23.76
C LEU C 45 -24.91 -8.38 23.73
N THR C 46 -23.98 -8.78 22.87
CA THR C 46 -23.64 -10.20 22.71
C THR C 46 -22.90 -10.75 23.92
N LEU C 47 -23.38 -11.87 24.44
CA LEU C 47 -22.78 -12.54 25.60
C LEU C 47 -21.72 -13.55 25.17
N ALA C 48 -22.01 -14.29 24.11
CA ALA C 48 -21.10 -15.31 23.60
C ALA C 48 -21.35 -15.59 22.13
N PHE C 49 -20.27 -15.59 21.36
CA PHE C 49 -20.34 -15.88 19.93
C PHE C 49 -20.17 -17.39 19.75
N LEU C 50 -21.04 -18.03 18.97
CA LEU C 50 -20.96 -19.47 18.83
C LEU C 50 -20.43 -19.91 17.46
N GLY C 51 -20.57 -19.04 16.47
CA GLY C 51 -20.15 -19.39 15.12
C GLY C 51 -21.20 -20.26 14.44
N GLU C 52 -20.81 -20.92 13.34
CA GLU C 52 -21.74 -21.81 12.65
C GLU C 52 -22.06 -23.02 13.51
N VAL C 53 -23.35 -23.24 13.75
CA VAL C 53 -23.77 -24.29 14.67
C VAL C 53 -24.91 -25.11 14.08
N SER C 54 -24.78 -26.43 14.19
CA SER C 54 -25.78 -27.37 13.69
C SER C 54 -26.84 -27.64 14.77
N ALA C 55 -27.86 -28.39 14.41
CA ALA C 55 -28.95 -28.68 15.33
C ALA C 55 -28.49 -29.45 16.56
N GLU C 56 -27.53 -30.35 16.39
CA GLU C 56 -27.07 -31.20 17.49
C GLU C 56 -26.51 -30.44 18.69
N LYS C 57 -25.54 -29.56 18.45
CA LYS C 57 -24.88 -28.88 19.56
C LYS C 57 -25.70 -27.67 19.99
N GLU C 58 -26.51 -27.15 19.07
CA GLU C 58 -27.48 -26.12 19.39
C GLU C 58 -28.40 -26.65 20.47
N LYS C 59 -28.79 -27.91 20.33
CA LYS C 59 -29.63 -28.58 21.31
C LYS C 59 -28.83 -28.81 22.58
N ALA C 60 -27.53 -29.10 22.41
CA ALA C 60 -26.63 -29.31 23.54
C ALA C 60 -26.39 -28.03 24.32
N LEU C 61 -26.18 -26.93 23.60
CA LEU C 61 -25.92 -25.64 24.23
C LEU C 61 -27.18 -25.09 24.89
N SER C 62 -28.34 -25.43 24.33
CA SER C 62 -29.61 -25.01 24.90
C SER C 62 -29.79 -25.65 26.28
N LEU C 63 -29.47 -26.94 26.37
CA LEU C 63 -29.55 -27.65 27.64
C LEU C 63 -28.58 -27.08 28.66
N LEU C 64 -27.36 -26.81 28.22
CA LEU C 64 -26.32 -26.27 29.08
C LEU C 64 -26.70 -24.88 29.59
N ALA C 65 -27.42 -24.13 28.76
CA ALA C 65 -27.88 -22.80 29.13
C ALA C 65 -29.00 -22.88 30.15
N GLY C 66 -29.79 -23.95 30.06
CA GLY C 66 -30.92 -24.15 30.95
C GLY C 66 -30.50 -24.44 32.38
N ARG C 67 -29.22 -24.77 32.56
CA ARG C 67 -28.69 -25.10 33.88
C ARG C 67 -28.18 -23.87 34.62
N ILE C 68 -28.14 -22.73 33.94
CA ILE C 68 -27.66 -21.50 34.56
C ILE C 68 -28.63 -20.98 35.61
N ARG C 69 -28.16 -20.85 36.85
CA ARG C 69 -28.98 -20.28 37.92
C ARG C 69 -28.31 -19.03 38.45
N GLN C 70 -28.85 -17.86 38.12
CA GLN C 70 -28.25 -16.61 38.57
C GLN C 70 -29.24 -15.45 38.47
N PRO C 71 -29.27 -14.61 39.51
CA PRO C 71 -30.19 -13.46 39.59
C PRO C 71 -29.96 -12.44 38.50
N GLY C 72 -30.99 -11.62 38.25
CA GLY C 72 -30.89 -10.58 37.25
C GLY C 72 -30.06 -9.42 37.78
N PHE C 73 -29.69 -8.51 36.89
CA PHE C 73 -28.88 -7.36 37.24
C PHE C 73 -29.29 -6.15 36.43
N THR C 74 -28.82 -4.98 36.82
CA THR C 74 -29.18 -3.75 36.13
C THR C 74 -28.02 -3.27 35.26
N LEU C 75 -28.31 -2.95 34.01
CA LEU C 75 -27.31 -2.41 33.11
C LEU C 75 -27.51 -0.90 32.99
N THR C 76 -26.44 -0.15 33.24
CA THR C 76 -26.50 1.30 33.05
C THR C 76 -25.45 1.69 32.02
N LEU C 77 -25.92 2.14 30.86
CA LEU C 77 -25.04 2.45 29.75
C LEU C 77 -24.46 3.84 29.94
N ASP C 78 -23.25 3.91 30.51
CA ASP C 78 -22.65 5.18 30.87
C ASP C 78 -21.41 5.47 30.05
N ASP C 79 -21.11 4.60 29.09
CA ASP C 79 -19.87 4.69 28.34
C ASP C 79 -20.09 4.49 26.86
N ALA C 80 -19.43 5.33 26.07
CA ALA C 80 -19.41 5.20 24.61
C ALA C 80 -17.98 5.39 24.15
N GLY C 81 -17.61 4.74 23.06
CA GLY C 81 -16.24 4.81 22.59
C GLY C 81 -16.07 4.31 21.17
N GLN C 82 -14.82 4.15 20.78
CA GLN C 82 -14.49 3.76 19.41
C GLN C 82 -13.33 2.79 19.35
N TRP C 83 -13.52 1.69 18.63
CA TRP C 83 -12.44 0.75 18.38
C TRP C 83 -11.92 0.94 16.96
N LEU C 84 -10.71 1.47 16.87
CA LEU C 84 -10.13 1.95 15.62
C LEU C 84 -9.82 0.83 14.64
N ARG C 85 -9.27 -0.27 15.16
CA ARG C 85 -8.91 -1.41 14.34
C ARG C 85 -10.13 -2.14 13.76
N SER C 86 -11.09 -2.48 14.61
CA SER C 86 -12.30 -3.14 14.16
C SER C 86 -13.22 -2.15 13.45
N ARG C 87 -12.89 -0.86 13.59
CA ARG C 87 -13.62 0.21 12.93
C ARG C 87 -15.07 0.24 13.37
N VAL C 88 -15.29 0.24 14.68
CA VAL C 88 -16.65 0.24 15.21
C VAL C 88 -16.85 1.30 16.29
N VAL C 89 -18.08 1.78 16.41
CA VAL C 89 -18.46 2.67 17.49
C VAL C 89 -19.39 1.90 18.43
N TRP C 90 -19.02 1.86 19.71
CA TRP C 90 -19.72 1.00 20.65
C TRP C 90 -20.32 1.75 21.83
N LEU C 91 -21.31 1.12 22.46
CA LEU C 91 -21.90 1.61 23.69
C LEU C 91 -21.60 0.59 24.79
N GLY C 92 -21.30 1.04 26.00
CA GLY C 92 -20.92 0.09 27.04
C GLY C 92 -21.00 0.57 28.48
N MET C 93 -20.37 -0.20 29.36
CA MET C 93 -20.33 0.11 30.79
C MET C 93 -18.90 0.18 31.28
N ARG C 94 -18.58 1.25 32.02
CA ARG C 94 -17.25 1.42 32.60
C ARG C 94 -16.95 0.29 33.57
N GLN C 95 -17.87 0.06 34.49
CA GLN C 95 -17.74 -1.02 35.46
C GLN C 95 -18.93 -1.96 35.34
N PRO C 96 -18.84 -2.92 34.40
CA PRO C 96 -19.90 -3.89 34.17
C PRO C 96 -20.24 -4.67 35.43
N PRO C 97 -21.53 -4.96 35.65
CA PRO C 97 -21.92 -5.71 36.85
C PRO C 97 -21.31 -7.11 36.84
N ARG C 98 -21.05 -7.65 38.02
CA ARG C 98 -20.48 -8.98 38.16
C ARG C 98 -21.37 -10.03 37.52
N GLY C 99 -22.68 -9.82 37.61
CA GLY C 99 -23.65 -10.70 36.99
C GLY C 99 -23.46 -10.86 35.50
N LEU C 100 -23.17 -9.75 34.82
CA LEU C 100 -22.94 -9.78 33.38
C LEU C 100 -21.70 -10.59 33.04
N ILE C 101 -20.65 -10.43 33.85
CA ILE C 101 -19.40 -11.12 33.61
C ILE C 101 -19.51 -12.62 33.87
N GLN C 102 -20.15 -12.99 34.98
CA GLN C 102 -20.38 -14.39 35.31
C GLN C 102 -21.15 -15.09 34.20
N LEU C 103 -22.22 -14.43 33.74
CA LEU C 103 -23.09 -14.99 32.72
C LEU C 103 -22.33 -15.26 31.42
N ALA C 104 -21.55 -14.29 30.97
CA ALA C 104 -20.77 -14.46 29.76
C ALA C 104 -19.78 -15.61 29.91
N ASN C 105 -18.97 -15.55 30.97
CA ASN C 105 -17.97 -16.58 31.22
C ASN C 105 -18.60 -17.96 31.42
N MET C 106 -19.75 -18.01 32.08
CA MET C 106 -20.43 -19.26 32.33
C MET C 106 -20.89 -19.85 30.99
N LEU C 107 -21.31 -18.98 30.08
CA LEU C 107 -21.77 -19.41 28.77
C LEU C 107 -20.58 -19.73 27.87
N ARG C 108 -19.48 -19.01 28.05
CA ARG C 108 -18.25 -19.27 27.30
C ARG C 108 -17.61 -20.56 27.77
N SER C 109 -17.70 -20.83 29.08
CA SER C 109 -17.08 -22.01 29.66
C SER C 109 -17.85 -23.27 29.27
N GLN C 110 -19.08 -23.09 28.79
CA GLN C 110 -19.89 -24.23 28.37
C GLN C 110 -19.62 -24.55 26.91
N ALA C 111 -19.26 -23.54 26.14
CA ALA C 111 -18.92 -23.74 24.74
C ALA C 111 -17.55 -24.38 24.60
N ALA C 112 -16.66 -24.06 25.53
CA ALA C 112 -15.31 -24.60 25.49
C ALA C 112 -15.27 -26.03 26.03
N ARG C 113 -16.21 -26.35 26.91
CA ARG C 113 -16.27 -27.70 27.49
C ARG C 113 -17.20 -28.59 26.68
N PRO C 122 -11.44 -12.86 24.72
CA PRO C 122 -11.74 -12.09 25.93
C PRO C 122 -13.06 -11.34 25.82
N PHE C 123 -13.78 -11.21 26.93
CA PHE C 123 -15.12 -10.60 26.92
C PHE C 123 -15.12 -9.11 27.20
N HIS C 124 -15.45 -8.32 26.18
CA HIS C 124 -15.62 -6.88 26.32
C HIS C 124 -17.05 -6.49 26.00
N PRO C 125 -17.90 -6.40 27.03
CA PRO C 125 -19.32 -6.07 26.86
C PRO C 125 -19.53 -4.72 26.17
N HIS C 126 -20.17 -4.74 25.01
CA HIS C 126 -20.38 -3.53 24.25
C HIS C 126 -21.61 -3.64 23.35
N ILE C 127 -22.19 -2.50 23.00
CA ILE C 127 -23.29 -2.45 22.04
C ILE C 127 -22.86 -1.66 20.82
N THR C 128 -22.77 -2.34 19.68
CA THR C 128 -22.28 -1.72 18.46
C THR C 128 -23.32 -0.80 17.86
N LEU C 129 -22.95 0.46 17.63
CA LEU C 129 -23.86 1.44 17.05
C LEU C 129 -23.51 1.71 15.59
N LEU C 130 -22.22 1.84 15.31
CA LEU C 130 -21.75 2.12 13.96
C LEU C 130 -20.76 1.06 13.51
N ARG C 131 -20.92 0.60 12.27
CA ARG C 131 -19.93 -0.28 11.67
C ARG C 131 -19.28 0.49 10.53
N ASP C 132 -18.09 0.03 10.13
CA ASP C 132 -17.30 0.70 9.10
C ASP C 132 -17.04 2.16 9.46
N ALA C 133 -16.86 2.44 10.75
CA ALA C 133 -16.48 3.79 11.11
C ALA C 133 -14.98 3.80 10.92
N SER C 134 -14.50 4.69 10.06
CA SER C 134 -13.10 4.68 9.69
C SER C 134 -12.35 5.84 10.31
N GLU C 135 -12.86 7.04 10.05
CA GLU C 135 -12.26 8.25 10.58
C GLU C 135 -12.43 8.30 12.09
N ALA C 136 -11.38 8.73 12.76
CA ALA C 136 -11.34 8.82 14.21
C ALA C 136 -12.15 9.99 14.73
N VAL C 137 -13.47 9.94 14.54
CA VAL C 137 -14.37 11.02 14.97
C VAL C 137 -14.23 11.33 16.47
N THR C 138 -15.21 12.04 17.02
CA THR C 138 -15.13 12.41 18.43
C THR C 138 -16.39 11.88 19.08
N ILE C 139 -16.21 11.21 20.21
CA ILE C 139 -17.30 10.47 20.82
C ILE C 139 -17.93 11.19 22.00
N PRO C 140 -19.19 11.60 21.84
CA PRO C 140 -19.97 12.22 22.91
C PRO C 140 -20.34 11.18 23.94
N PRO C 141 -20.64 11.60 25.17
CA PRO C 141 -21.14 10.65 26.18
C PRO C 141 -22.52 10.14 25.79
N PRO C 142 -22.91 8.96 26.29
CA PRO C 142 -24.25 8.44 25.98
C PRO C 142 -25.35 9.32 26.58
N GLY C 143 -26.60 9.04 26.24
CA GLY C 143 -27.71 9.81 26.79
C GLY C 143 -27.88 9.57 28.28
N PHE C 144 -28.80 10.29 28.89
CA PHE C 144 -29.02 10.19 30.32
C PHE C 144 -29.97 9.07 30.70
N ASN C 145 -29.64 8.34 31.77
CA ASN C 145 -30.52 7.35 32.39
C ASN C 145 -30.83 6.17 31.49
N TRP C 146 -29.87 5.76 30.67
CA TRP C 146 -30.02 4.54 29.88
C TRP C 146 -29.76 3.33 30.76
N SER C 147 -30.71 3.05 31.65
CA SER C 147 -30.54 2.03 32.67
C SER C 147 -31.78 1.15 32.77
N TYR C 148 -31.59 -0.16 32.73
CA TYR C 148 -32.71 -1.08 32.76
C TYR C 148 -32.35 -2.39 33.45
N ALA C 149 -33.37 -3.14 33.85
CA ALA C 149 -33.17 -4.42 34.51
C ALA C 149 -33.12 -5.57 33.51
N VAL C 150 -32.09 -6.41 33.64
CA VAL C 150 -31.98 -7.58 32.77
C VAL C 150 -32.73 -8.75 33.40
N THR C 151 -33.70 -9.29 32.67
CA THR C 151 -34.57 -10.32 33.21
C THR C 151 -34.34 -11.68 32.57
N GLU C 152 -33.72 -11.67 31.39
CA GLU C 152 -33.48 -12.89 30.64
C GLU C 152 -32.37 -12.70 29.61
N PHE C 153 -31.90 -13.81 29.05
CA PHE C 153 -30.99 -13.74 27.90
C PHE C 153 -31.51 -14.70 26.84
N THR C 154 -31.18 -14.42 25.58
CA THR C 154 -31.79 -15.13 24.47
C THR C 154 -30.75 -15.74 23.53
N LEU C 155 -31.03 -16.95 23.06
CA LEU C 155 -30.21 -17.55 22.02
C LEU C 155 -30.77 -17.14 20.67
N TYR C 156 -29.95 -16.45 19.89
CA TYR C 156 -30.39 -15.91 18.61
C TYR C 156 -29.78 -16.66 17.43
N ALA C 157 -30.50 -16.68 16.32
CA ALA C 157 -29.97 -17.19 15.06
C ALA C 157 -29.75 -16.04 14.09
N SER C 158 -28.58 -16.01 13.46
CA SER C 158 -28.23 -14.94 12.53
C SER C 158 -28.37 -15.40 11.08
N SER C 159 -28.93 -14.53 10.25
CA SER C 159 -29.07 -14.83 8.83
C SER C 159 -28.86 -13.57 8.01
N PHE C 160 -28.63 -13.75 6.72
CA PHE C 160 -28.38 -12.63 5.82
C PHE C 160 -29.28 -12.66 4.59
N ALA C 161 -30.12 -11.63 4.46
CA ALA C 161 -31.09 -11.58 3.36
C ALA C 161 -31.07 -10.23 2.63
N ARG C 162 -30.50 -10.23 1.43
CA ARG C 162 -30.47 -9.03 0.57
C ARG C 162 -29.84 -7.82 1.26
N GLY C 163 -28.57 -7.92 1.60
CA GLY C 163 -27.86 -6.78 2.15
C GLY C 163 -28.22 -6.43 3.58
N ARG C 164 -29.05 -7.25 4.22
CA ARG C 164 -29.44 -6.96 5.59
C ARG C 164 -29.21 -8.15 6.53
N THR C 165 -28.93 -7.82 7.80
CA THR C 165 -28.77 -8.83 8.84
C THR C 165 -30.05 -8.94 9.66
N ARG C 166 -30.53 -10.16 9.86
CA ARG C 166 -31.74 -10.37 10.65
C ARG C 166 -31.50 -11.42 11.73
N TYR C 167 -31.84 -11.08 12.97
CA TYR C 167 -31.68 -12.00 14.09
C TYR C 167 -33.00 -12.65 14.45
N THR C 168 -33.01 -13.99 14.52
CA THR C 168 -34.21 -14.72 14.88
C THR C 168 -34.01 -15.42 16.22
N PRO C 169 -34.89 -15.14 17.18
CA PRO C 169 -34.80 -15.74 18.52
C PRO C 169 -35.22 -17.20 18.50
N LEU C 170 -34.46 -18.04 19.21
CA LEU C 170 -34.73 -19.47 19.23
C LEU C 170 -35.24 -19.88 20.62
N LYS C 171 -34.48 -19.54 21.64
CA LYS C 171 -34.83 -19.87 23.02
C LYS C 171 -34.42 -18.76 23.98
N ARG C 172 -35.20 -18.58 25.03
CA ARG C 172 -34.88 -17.60 26.06
C ARG C 172 -34.85 -18.25 27.43
N TRP C 173 -33.96 -17.75 28.29
CA TRP C 173 -33.87 -18.23 29.66
C TRP C 173 -33.94 -17.05 30.61
N ALA C 174 -34.84 -17.11 31.57
CA ALA C 174 -34.99 -16.03 32.53
C ALA C 174 -33.90 -16.07 33.60
N LEU C 175 -33.50 -14.89 34.07
CA LEU C 175 -32.61 -14.78 35.20
C LEU C 175 -33.46 -14.61 36.46
N THR C 176 -33.11 -15.35 37.52
CA THR C 176 -33.97 -15.43 38.71
C THR C 176 -34.26 -14.04 39.29
N GLN C 177 -35.42 -13.90 39.94
CA GLN C 177 -35.96 -12.64 40.47
C GLN C 177 -35.29 -11.33 40.05
N SER D 3 48.79 6.85 -22.25
CA SER D 3 49.09 6.65 -20.83
C SER D 3 48.64 7.85 -20.00
N GLU D 4 47.55 8.49 -20.44
CA GLU D 4 47.02 9.68 -19.79
C GLU D 4 46.23 9.37 -18.51
N PRO D 5 46.30 10.27 -17.52
CA PRO D 5 45.62 10.12 -16.23
C PRO D 5 44.10 10.14 -16.34
N GLN D 6 43.48 9.08 -15.83
CA GLN D 6 42.02 8.91 -15.81
C GLN D 6 41.38 9.11 -14.44
N ARG D 7 40.29 9.87 -14.39
CA ARG D 7 39.51 10.00 -13.16
C ARG D 7 38.73 8.73 -12.87
N LEU D 8 39.13 8.01 -11.82
CA LEU D 8 38.58 6.70 -11.53
C LEU D 8 37.85 6.60 -10.19
N PHE D 9 36.98 5.61 -10.08
CA PHE D 9 36.34 5.26 -8.82
C PHE D 9 35.75 3.85 -8.88
N PHE D 10 35.65 3.20 -7.73
CA PHE D 10 34.99 1.90 -7.65
C PHE D 10 33.53 2.09 -7.28
N ALA D 11 32.65 1.31 -7.90
CA ALA D 11 31.23 1.48 -7.68
C ALA D 11 30.44 0.17 -7.71
N ILE D 12 29.27 0.21 -7.10
CA ILE D 12 28.27 -0.85 -7.19
C ILE D 12 27.14 -0.35 -8.06
N ASP D 13 26.69 -1.17 -9.01
CA ASP D 13 25.65 -0.74 -9.95
C ASP D 13 24.27 -1.22 -9.55
N LEU D 14 23.25 -0.70 -10.23
CA LEU D 14 21.87 -1.04 -9.95
C LEU D 14 21.25 -1.81 -11.12
N PRO D 15 20.43 -2.84 -10.82
CA PRO D 15 19.68 -3.54 -11.85
C PRO D 15 18.70 -2.61 -12.56
N ALA D 16 18.42 -2.87 -13.84
CA ALA D 16 17.60 -1.98 -14.64
C ALA D 16 16.21 -1.73 -14.05
N GLU D 17 15.58 -2.78 -13.54
CA GLU D 17 14.23 -2.67 -13.01
C GLU D 17 14.18 -1.74 -11.80
N ILE D 18 15.14 -1.89 -10.90
CA ILE D 18 15.22 -1.05 -9.70
C ILE D 18 15.59 0.38 -10.10
N ARG D 19 16.45 0.51 -11.11
CA ARG D 19 16.80 1.83 -11.64
C ARG D 19 15.57 2.53 -12.19
N GLU D 20 14.69 1.79 -12.85
CA GLU D 20 13.45 2.36 -13.37
C GLU D 20 12.49 2.74 -12.25
N GLN D 21 12.45 1.95 -11.19
CA GLN D 21 11.58 2.24 -10.07
C GLN D 21 12.04 3.50 -9.33
N ILE D 22 13.34 3.73 -9.30
CA ILE D 22 13.90 4.88 -8.59
C ILE D 22 13.59 6.18 -9.33
N ILE D 23 13.82 6.18 -10.64
CA ILE D 23 13.58 7.38 -11.45
C ILE D 23 12.08 7.71 -11.53
N HIS D 24 11.24 6.69 -11.41
CA HIS D 24 9.80 6.90 -11.37
C HIS D 24 9.40 7.50 -10.03
N TRP D 25 9.93 6.91 -8.97
CA TRP D 25 9.71 7.39 -7.61
C TRP D 25 10.20 8.82 -7.43
N ARG D 26 11.31 9.14 -8.09
CA ARG D 26 11.90 10.47 -8.02
C ARG D 26 11.03 11.49 -8.73
N ALA D 27 10.50 11.12 -9.89
CA ALA D 27 9.67 12.02 -10.67
C ALA D 27 8.34 12.31 -9.96
N LYS D 28 7.92 11.39 -9.09
CA LYS D 28 6.66 11.55 -8.37
C LYS D 28 6.79 12.48 -7.17
N HIS D 29 7.94 12.44 -6.50
CA HIS D 29 8.08 13.15 -5.24
C HIS D 29 8.92 14.42 -5.34
N PHE D 30 9.68 14.54 -6.42
CA PHE D 30 10.55 15.71 -6.56
C PHE D 30 10.27 16.45 -7.87
N PRO D 31 9.76 17.68 -7.76
CA PRO D 31 9.54 18.55 -8.92
C PRO D 31 10.86 19.00 -9.54
N PRO D 32 10.85 19.35 -10.83
CA PRO D 32 12.05 19.80 -11.54
C PRO D 32 12.76 20.96 -10.84
N GLU D 33 12.03 21.69 -10.00
CA GLU D 33 12.58 22.87 -9.32
C GLU D 33 13.15 22.49 -7.96
N ALA D 34 13.25 21.19 -7.69
CA ALA D 34 13.78 20.71 -6.42
C ALA D 34 15.28 20.44 -6.50
N GLY D 35 15.79 20.22 -7.71
CA GLY D 35 17.20 19.94 -7.90
C GLY D 35 17.52 19.36 -9.26
N ARG D 36 18.80 19.19 -9.54
CA ARG D 36 19.23 18.65 -10.83
C ARG D 36 19.26 17.12 -10.79
N PRO D 37 18.41 16.48 -11.61
CA PRO D 37 18.26 15.02 -11.61
C PRO D 37 19.50 14.31 -12.13
N VAL D 38 19.94 13.28 -11.42
CA VAL D 38 21.03 12.44 -11.89
C VAL D 38 20.48 11.48 -12.93
N ALA D 39 21.16 11.38 -14.07
CA ALA D 39 20.69 10.51 -15.15
C ALA D 39 20.59 9.08 -14.67
N ALA D 40 19.64 8.32 -15.22
CA ALA D 40 19.36 6.97 -14.76
C ALA D 40 20.60 6.07 -14.83
N ASP D 41 21.37 6.22 -15.91
CA ASP D 41 22.56 5.41 -16.12
C ASP D 41 23.74 5.89 -15.27
N ASN D 42 23.56 7.02 -14.57
CA ASN D 42 24.60 7.55 -13.70
C ASN D 42 24.32 7.19 -12.24
N LEU D 43 23.22 6.47 -12.02
CA LEU D 43 22.86 6.02 -10.69
C LEU D 43 23.80 4.90 -10.24
N HIS D 44 24.52 5.12 -9.15
CA HIS D 44 25.49 4.14 -8.66
C HIS D 44 25.82 4.38 -7.20
N LEU D 45 26.43 3.39 -6.57
CA LEU D 45 26.90 3.52 -5.19
C LEU D 45 28.43 3.48 -5.20
N THR D 46 29.06 4.64 -5.04
CA THR D 46 30.51 4.75 -5.08
C THR D 46 31.16 4.08 -3.87
N LEU D 47 32.13 3.21 -4.13
CA LEU D 47 32.84 2.51 -3.08
C LEU D 47 34.07 3.29 -2.64
N ALA D 48 34.79 3.83 -3.61
CA ALA D 48 35.99 4.61 -3.33
C ALA D 48 36.38 5.52 -4.49
N PHE D 49 36.66 6.79 -4.19
CA PHE D 49 37.18 7.70 -5.20
C PHE D 49 38.70 7.61 -5.22
N LEU D 50 39.26 7.52 -6.42
CA LEU D 50 40.69 7.31 -6.60
C LEU D 50 41.33 8.61 -7.06
N GLY D 51 40.52 9.50 -7.62
CA GLY D 51 41.03 10.74 -8.17
C GLY D 51 41.62 10.52 -9.55
N GLU D 52 42.42 11.48 -10.02
CA GLU D 52 43.06 11.37 -11.32
C GLU D 52 44.10 10.25 -11.30
N VAL D 53 43.98 9.28 -12.20
CA VAL D 53 44.85 8.10 -12.15
C VAL D 53 45.43 7.71 -13.51
N SER D 54 46.75 7.45 -13.51
CA SER D 54 47.46 7.05 -14.73
C SER D 54 47.43 5.54 -14.93
N ALA D 55 47.92 5.09 -16.08
CA ALA D 55 47.93 3.65 -16.40
C ALA D 55 48.80 2.87 -15.42
N GLU D 56 49.89 3.50 -15.00
CA GLU D 56 50.84 2.85 -14.09
C GLU D 56 50.16 2.48 -12.77
N LYS D 57 49.47 3.43 -12.17
CA LYS D 57 48.82 3.20 -10.88
C LYS D 57 47.44 2.55 -11.04
N GLU D 58 46.81 2.75 -12.20
CA GLU D 58 45.57 2.04 -12.54
C GLU D 58 45.77 0.51 -12.59
N LYS D 59 46.88 0.08 -13.17
CA LYS D 59 47.17 -1.35 -13.29
C LYS D 59 47.44 -1.95 -11.92
N ALA D 60 48.06 -1.17 -11.06
CA ALA D 60 48.35 -1.61 -9.71
C ALA D 60 47.04 -1.77 -8.94
N LEU D 61 46.14 -0.81 -9.12
CA LEU D 61 44.84 -0.84 -8.43
C LEU D 61 43.95 -1.93 -8.99
N SER D 62 44.08 -2.20 -10.28
CA SER D 62 43.34 -3.29 -10.92
C SER D 62 43.85 -4.62 -10.39
N LEU D 63 45.17 -4.73 -10.30
CA LEU D 63 45.81 -5.93 -9.79
C LEU D 63 45.43 -6.15 -8.32
N LEU D 64 45.43 -5.06 -7.56
CA LEU D 64 45.09 -5.10 -6.14
C LEU D 64 43.65 -5.54 -5.91
N ALA D 65 42.76 -5.15 -6.83
CA ALA D 65 41.35 -5.52 -6.73
C ALA D 65 41.10 -6.97 -7.08
N GLY D 66 41.92 -7.51 -7.99
CA GLY D 66 41.75 -8.87 -8.46
C GLY D 66 42.07 -9.90 -7.38
N ARG D 67 42.74 -9.45 -6.33
CA ARG D 67 43.11 -10.32 -5.22
C ARG D 67 42.03 -10.35 -4.15
N ILE D 68 41.02 -9.50 -4.29
CA ILE D 68 39.92 -9.45 -3.33
C ILE D 68 39.05 -10.70 -3.44
N ARG D 69 38.91 -11.43 -2.34
CA ARG D 69 38.06 -12.60 -2.27
C ARG D 69 36.97 -12.39 -1.25
N GLN D 70 35.73 -12.25 -1.71
CA GLN D 70 34.62 -11.92 -0.82
C GLN D 70 33.29 -12.34 -1.42
N PRO D 71 32.43 -12.98 -0.60
CA PRO D 71 31.10 -13.43 -1.04
C PRO D 71 30.22 -12.27 -1.45
N GLY D 72 29.19 -12.55 -2.26
CA GLY D 72 28.27 -11.51 -2.67
C GLY D 72 27.34 -11.17 -1.52
N PHE D 73 26.62 -10.07 -1.64
CA PHE D 73 25.71 -9.64 -0.59
C PHE D 73 24.48 -8.97 -1.19
N THR D 74 23.45 -8.80 -0.37
CA THR D 74 22.20 -8.21 -0.83
C THR D 74 22.04 -6.77 -0.32
N LEU D 75 21.67 -5.87 -1.22
CA LEU D 75 21.40 -4.48 -0.85
C LEU D 75 19.90 -4.24 -0.80
N THR D 76 19.43 -3.69 0.32
CA THR D 76 18.03 -3.31 0.44
C THR D 76 17.95 -1.81 0.74
N LEU D 77 17.44 -1.05 -0.24
CA LEU D 77 17.39 0.40 -0.13
C LEU D 77 16.18 0.86 0.68
N ASP D 78 16.41 1.11 1.96
CA ASP D 78 15.31 1.42 2.89
C ASP D 78 15.40 2.85 3.43
N ASP D 79 16.36 3.61 2.94
CA ASP D 79 16.62 4.94 3.51
C ASP D 79 16.82 5.99 2.43
N ALA D 80 16.21 7.15 2.64
CA ALA D 80 16.41 8.30 1.77
C ALA D 80 16.59 9.53 2.65
N GLY D 81 17.40 10.48 2.18
CA GLY D 81 17.65 11.67 2.96
C GLY D 81 18.28 12.80 2.18
N GLN D 82 18.71 13.83 2.90
CA GLN D 82 19.26 15.03 2.29
C GLN D 82 20.42 15.58 3.12
N TRP D 83 21.52 15.89 2.45
CA TRP D 83 22.68 16.52 3.07
C TRP D 83 22.68 18.01 2.74
N LEU D 84 22.51 18.82 3.77
CA LEU D 84 22.20 20.24 3.61
C LEU D 84 23.34 21.04 2.97
N ARG D 85 24.58 20.79 3.40
CA ARG D 85 25.73 21.53 2.87
C ARG D 85 26.08 21.14 1.43
N SER D 86 26.18 19.85 1.16
CA SER D 86 26.53 19.35 -0.17
C SER D 86 25.41 19.53 -1.17
N ARG D 87 24.21 19.86 -0.66
CA ARG D 87 23.07 20.17 -1.50
C ARG D 87 22.69 18.98 -2.37
N VAL D 88 22.58 17.81 -1.75
CA VAL D 88 22.24 16.59 -2.48
C VAL D 88 21.14 15.77 -1.81
N VAL D 89 20.38 15.03 -2.62
CA VAL D 89 19.41 14.07 -2.14
C VAL D 89 19.88 12.67 -2.45
N TRP D 90 19.98 11.81 -1.43
CA TRP D 90 20.58 10.50 -1.62
C TRP D 90 19.66 9.33 -1.25
N LEU D 91 20.00 8.16 -1.77
CA LEU D 91 19.35 6.91 -1.41
C LEU D 91 20.37 6.01 -0.73
N GLY D 92 19.96 5.28 0.30
CA GLY D 92 20.91 4.46 1.04
C GLY D 92 20.33 3.35 1.90
N MET D 93 21.17 2.85 2.80
CA MET D 93 20.80 1.78 3.73
C MET D 93 21.02 2.21 5.16
N ARG D 94 20.02 2.00 6.00
CA ARG D 94 20.12 2.31 7.42
C ARG D 94 21.24 1.51 8.07
N GLN D 95 21.23 0.20 7.84
CA GLN D 95 22.26 -0.67 8.37
C GLN D 95 22.97 -1.42 7.25
N PRO D 96 23.99 -0.79 6.65
CA PRO D 96 24.75 -1.41 5.57
C PRO D 96 25.37 -2.74 6.00
N PRO D 97 25.36 -3.74 5.12
CA PRO D 97 25.93 -5.07 5.36
C PRO D 97 27.45 -5.03 5.54
N ARG D 98 27.99 -6.01 6.27
CA ARG D 98 29.44 -6.12 6.46
C ARG D 98 30.12 -6.25 5.11
N GLY D 99 29.46 -6.93 4.18
CA GLY D 99 29.97 -7.10 2.83
C GLY D 99 30.26 -5.79 2.12
N LEU D 100 29.33 -4.84 2.23
CA LEU D 100 29.54 -3.53 1.61
C LEU D 100 30.68 -2.80 2.30
N ILE D 101 30.75 -2.93 3.62
CA ILE D 101 31.79 -2.28 4.41
C ILE D 101 33.15 -2.93 4.18
N GLN D 102 33.19 -4.27 4.19
CA GLN D 102 34.42 -4.99 3.91
C GLN D 102 34.99 -4.61 2.54
N LEU D 103 34.13 -4.61 1.53
CA LEU D 103 34.53 -4.29 0.17
C LEU D 103 35.04 -2.86 0.05
N ALA D 104 34.30 -1.93 0.62
CA ALA D 104 34.67 -0.51 0.58
C ALA D 104 36.03 -0.27 1.21
N ASN D 105 36.21 -0.76 2.42
CA ASN D 105 37.45 -0.56 3.17
C ASN D 105 38.68 -1.14 2.49
N MET D 106 38.53 -2.32 1.88
CA MET D 106 39.63 -2.97 1.19
C MET D 106 40.06 -2.17 -0.05
N LEU D 107 39.11 -1.57 -0.74
CA LEU D 107 39.41 -0.82 -1.94
C LEU D 107 40.05 0.53 -1.60
N ARG D 108 39.66 1.11 -0.47
CA ARG D 108 40.27 2.34 0.00
C ARG D 108 41.68 2.08 0.51
N SER D 109 41.88 0.92 1.12
CA SER D 109 43.17 0.56 1.70
C SER D 109 44.16 0.19 0.60
N GLN D 110 43.65 -0.08 -0.59
CA GLN D 110 44.48 -0.41 -1.74
C GLN D 110 44.91 0.86 -2.48
N ALA D 111 44.08 1.90 -2.37
CA ALA D 111 44.38 3.18 -3.00
C ALA D 111 45.51 3.86 -2.26
N ALA D 112 45.60 3.61 -0.95
CA ALA D 112 46.62 4.22 -0.12
C ALA D 112 47.98 3.55 -0.29
N ARG D 113 47.98 2.27 -0.66
CA ARG D 113 49.22 1.53 -0.83
C ARG D 113 49.76 1.61 -2.25
N SER D 114 48.99 2.24 -3.14
CA SER D 114 49.46 2.52 -4.49
C SER D 114 50.08 3.91 -4.51
N GLY D 115 49.33 4.89 -4.04
CA GLY D 115 49.79 6.26 -3.97
C GLY D 115 48.67 7.25 -4.20
N PHE D 123 32.89 6.57 5.86
CA PHE D 123 32.26 6.03 4.65
C PHE D 123 30.75 6.07 4.76
N HIS D 124 30.12 6.86 3.91
CA HIS D 124 28.67 6.96 3.90
C HIS D 124 28.09 6.39 2.61
N PRO D 125 27.71 5.11 2.62
CA PRO D 125 27.15 4.43 1.46
C PRO D 125 25.87 5.10 0.98
N HIS D 126 25.87 5.64 -0.24
CA HIS D 126 24.72 6.36 -0.75
C HIS D 126 24.62 6.37 -2.27
N ILE D 127 23.40 6.54 -2.76
CA ILE D 127 23.15 6.73 -4.19
C ILE D 127 22.52 8.10 -4.41
N THR D 128 23.26 8.97 -5.09
CA THR D 128 22.83 10.36 -5.29
C THR D 128 21.73 10.49 -6.34
N LEU D 129 20.63 11.12 -5.97
CA LEU D 129 19.50 11.31 -6.88
C LEU D 129 19.40 12.74 -7.40
N LEU D 130 19.58 13.71 -6.51
CA LEU D 130 19.49 15.12 -6.87
C LEU D 130 20.75 15.89 -6.49
N ARG D 131 21.21 16.75 -7.39
CA ARG D 131 22.27 17.69 -7.06
C ARG D 131 21.71 19.10 -7.12
N ASP D 132 22.36 20.03 -6.42
CA ASP D 132 21.89 21.42 -6.37
C ASP D 132 20.45 21.46 -5.86
N ALA D 133 20.16 20.59 -4.90
CA ALA D 133 18.83 20.49 -4.33
C ALA D 133 18.53 21.50 -3.22
N SER D 134 17.25 21.78 -3.06
CA SER D 134 16.77 22.74 -2.07
C SER D 134 16.19 21.87 -0.96
N GLU D 135 16.13 22.38 0.27
CA GLU D 135 15.62 21.53 1.34
C GLU D 135 14.12 21.27 1.12
N ALA D 136 13.79 19.99 1.09
CA ALA D 136 12.43 19.52 0.82
C ALA D 136 11.49 19.53 2.02
N VAL D 137 11.97 20.03 3.16
CA VAL D 137 11.25 19.98 4.44
C VAL D 137 11.13 18.53 4.92
N THR D 138 10.75 17.66 4.00
CA THR D 138 10.59 16.24 4.29
C THR D 138 10.97 15.36 3.08
N ILE D 139 11.77 14.33 3.34
CA ILE D 139 12.19 13.40 2.30
C ILE D 139 11.36 12.15 2.52
N PRO D 140 10.51 11.80 1.54
CA PRO D 140 9.68 10.60 1.72
C PRO D 140 10.52 9.33 1.72
N PRO D 141 9.99 8.25 2.30
CA PRO D 141 10.71 6.97 2.27
C PRO D 141 10.81 6.42 0.86
N PRO D 142 11.82 5.58 0.60
CA PRO D 142 11.96 4.99 -0.74
C PRO D 142 10.80 4.05 -1.06
N GLY D 143 10.72 3.59 -2.30
CA GLY D 143 9.68 2.67 -2.70
C GLY D 143 9.84 1.32 -2.03
N PHE D 144 8.89 0.41 -2.26
CA PHE D 144 8.91 -0.89 -1.61
C PHE D 144 9.73 -1.92 -2.38
N ASN D 145 10.49 -2.71 -1.61
CA ASN D 145 11.22 -3.87 -2.12
C ASN D 145 12.31 -3.52 -3.12
N TRP D 146 12.96 -2.38 -2.93
CA TRP D 146 14.13 -2.04 -3.74
C TRP D 146 15.31 -2.82 -3.19
N SER D 147 15.31 -4.12 -3.43
CA SER D 147 16.27 -5.03 -2.83
C SER D 147 16.81 -6.00 -3.88
N TYR D 148 18.14 -6.09 -3.97
CA TYR D 148 18.77 -6.92 -4.99
C TYR D 148 20.11 -7.50 -4.54
N ALA D 149 20.56 -8.52 -5.26
CA ALA D 149 21.82 -9.18 -4.95
C ALA D 149 22.96 -8.53 -5.72
N VAL D 150 24.03 -8.18 -5.00
CA VAL D 150 25.22 -7.61 -5.63
C VAL D 150 26.16 -8.74 -6.02
N THR D 151 26.47 -8.81 -7.32
CA THR D 151 27.23 -9.93 -7.86
C THR D 151 28.65 -9.53 -8.26
N GLU D 152 28.87 -8.23 -8.41
CA GLU D 152 30.15 -7.72 -8.87
C GLU D 152 30.33 -6.25 -8.51
N PHE D 153 31.57 -5.76 -8.64
CA PHE D 153 31.84 -4.34 -8.52
C PHE D 153 32.69 -3.89 -9.70
N THR D 154 32.58 -2.63 -10.07
CA THR D 154 33.17 -2.15 -11.32
C THR D 154 34.08 -0.94 -11.10
N LEU D 155 35.20 -0.93 -11.82
CA LEU D 155 36.06 0.24 -11.86
C LEU D 155 35.61 1.17 -12.98
N TYR D 156 35.22 2.39 -12.61
CA TYR D 156 34.70 3.34 -13.59
C TYR D 156 35.69 4.47 -13.85
N ALA D 157 35.63 5.02 -15.05
CA ALA D 157 36.37 6.22 -15.39
C ALA D 157 35.40 7.36 -15.57
N SER D 158 35.72 8.52 -14.99
CA SER D 158 34.81 9.66 -15.07
C SER D 158 35.29 10.61 -16.15
N SER D 159 34.36 11.06 -16.98
CA SER D 159 34.67 11.97 -18.07
C SER D 159 33.53 12.94 -18.32
N PHE D 160 33.82 13.97 -19.11
CA PHE D 160 32.83 14.99 -19.45
C PHE D 160 32.73 15.13 -20.97
N ALA D 161 31.55 14.86 -21.49
CA ALA D 161 31.34 14.87 -22.93
C ALA D 161 30.17 15.78 -23.28
N ARG D 162 30.51 16.91 -23.88
CA ARG D 162 29.54 17.91 -24.33
C ARG D 162 28.67 18.39 -23.16
N GLY D 163 29.32 18.98 -22.17
CA GLY D 163 28.62 19.61 -21.06
C GLY D 163 27.96 18.62 -20.10
N ARG D 164 28.22 17.33 -20.32
CA ARG D 164 27.57 16.27 -19.58
C ARG D 164 28.55 15.28 -18.93
N THR D 165 28.11 14.62 -17.87
CA THR D 165 28.94 13.61 -17.20
C THR D 165 28.62 12.20 -17.69
N ARG D 166 29.67 11.48 -18.09
CA ARG D 166 29.52 10.10 -18.57
C ARG D 166 30.51 9.17 -17.88
N TYR D 167 30.00 8.05 -17.39
CA TYR D 167 30.84 7.04 -16.72
C TYR D 167 31.18 5.90 -17.67
N THR D 168 32.47 5.58 -17.76
CA THR D 168 32.94 4.50 -18.61
C THR D 168 33.48 3.35 -17.79
N PRO D 169 32.91 2.15 -17.98
CA PRO D 169 33.36 0.96 -17.26
C PRO D 169 34.69 0.46 -17.81
N LEU D 170 35.60 0.09 -16.93
CA LEU D 170 36.91 -0.37 -17.37
C LEU D 170 37.09 -1.86 -17.10
N LYS D 171 36.87 -2.26 -15.85
CA LYS D 171 37.06 -3.64 -15.45
C LYS D 171 36.01 -4.03 -14.42
N ARG D 172 35.58 -5.30 -14.42
CA ARG D 172 34.64 -5.78 -13.42
C ARG D 172 35.16 -7.01 -12.72
N TRP D 173 34.83 -7.13 -11.43
CA TRP D 173 35.22 -8.28 -10.64
C TRP D 173 34.01 -8.89 -9.96
N ALA D 174 33.81 -10.18 -10.14
CA ALA D 174 32.71 -10.87 -9.50
C ALA D 174 33.03 -11.14 -8.04
N LEU D 175 32.00 -11.15 -7.20
CA LEU D 175 32.16 -11.56 -5.81
C LEU D 175 31.91 -13.06 -5.75
N THR D 176 32.75 -13.76 -4.99
CA THR D 176 32.84 -15.22 -5.07
C THR D 176 31.53 -15.99 -4.89
N GLN D 177 30.51 -15.33 -4.36
CA GLN D 177 29.22 -15.97 -4.09
C GLN D 177 29.36 -17.24 -3.26
#